data_7BG7
#
_entry.id   7BG7
#
_cell.length_a   1.00
_cell.length_b   1.00
_cell.length_c   1.00
_cell.angle_alpha   90.00
_cell.angle_beta   90.00
_cell.angle_gamma   90.00
#
_symmetry.space_group_name_H-M   'P 1'
#
loop_
_entity.id
_entity.type
_entity.pdbx_description
1 polymer 'Genome polyprotein'
2 polymer 'Genome polyprotein'
3 polymer 'Genome polyprotein'
4 polymer 'Genome polyprotein'
5 polymer 'Intercellular adhesion molecule 1'
6 water water
#
loop_
_entity_poly.entity_id
_entity_poly.type
_entity_poly.pdbx_seq_one_letter_code
_entity_poly.pdbx_strand_id
1 'polypeptide(L)'
;ALTEGLGDELEEVIVEKTKQTVASISSGPKHTQKVPILTANETGATMPVLPSDSIETRTTYMHFNGSETDVECFLGRAAC
VHVTEIQNKDATGIDNHREAKLFNDWKINLSSLVQLRKKLELFTYVRFDSEYTILATASQPDSANYSSNLVVQAMYVPPG
APNPKEWDDYTWQSASNPSVFFKVGDTSRFSVPYVGLASAYNCFYDGYSHDDAETQYGITVLNHMGSMAFRIVNEHDEHK
TLVKIRVYHRAKHVEAWIPRAPRALPYTSIGRTNYPKNTEPVIKKRKGDIKSY
;
1
2 'polypeptide(L)'
;SPNVEACGYSDRVQQITLGNSTITTQEAANAVVCYAEWPEYLPDVDASDVNKTSKPDTSVCRFYTLDSKTWTTGSKGWCW
KLPDALKDMGVFGQNMFFHSLGRSGYTVHVQCNATKFHSGCLLVVVIPEHQLASHEGGNVSVKYTFTHPGERGIDLSSAN
EVGGPVKDVIYNMNGTLLGNLLIFPHQFINLRTNNTATIVIPYINSVPIDSMTRHNNVSLMVIPIAPLTVPTGATPSLPI
TVTIAPMCTEFSGIRSKSIVPQ
;
2
3 'polypeptide(L)'
;GLPTTTLPGSGQFLTTDDRQSPSALPNYEPTPRIHIPGKVHNLLEIIQVDTLIPMNNTHTKDEVNSYLIPLNANRQNEQV
FGTNLFIGDGVFKTTLLGEIVQYYTHWSGSLRFSLMYTGPALSSAKLILAYTPPGARGPQDRREAMLGTHVVWDIGLQST
IVMTIPWTSGVQFRYTDPDTYTSAGFLSCWYQTSLILPPETTGQVYLLSFISACPDFKLRLMKDTQTISQTVALTE
;
3
4 'polypeptide(L)' GAQVSTQKSGSHENQNILTNGSNQTFTVINYYKDAASTSSAGQSLSMDPSKFTEPVKDLMLKGAPALN 4
5 'polypeptide(L)'
;QTSVSPSKVILPRGGSVLVTCSTSCDQPKLLGIETPLPKKELLLPGNNRKVYELSNVQEDSQPMCYSNCPDGQSTAKTFL
TVYWTPERVELAPLPSWQPVGKNLTLRCQVEGGAPRANLTVVLLRGEKELKREPAVGEPAEVTTTVLVRRDHHGANFSCR
TELDLRPQGLELFENTSAPYQLQTFVLPATPPQLVSPRVLEVDTQGTVVCSLDGLFPVSEAQVHLALGDQRLNPTVTYGN
DSFSAKASVSVTAEDEGTQRLTCAVILGNQSQETLQTVTIYSFPAPNVILTKPEVSEGTEVTVKCEAHPRAKVTLNGVPA
QPLGPRAQLLLKATPEDNGRSFSCSATLEVAGQLIHKNQTRELRVLYGPRLDERDCPGNWTWPENSQQTPMCQAWGNPLP
ELKCLKDGTFPLPIGESVTVTRDLEGTYLCRARSTQGEVTRKVTVNVLSPRYE
;
B
#
# COMPACT_ATOMS: atom_id res chain seq x y z
N GLN A 20 -13.25 11.69 30.82
CA GLN A 20 -11.83 11.42 30.60
C GLN A 20 -11.51 9.95 30.41
N THR A 21 -10.80 9.67 29.34
CA THR A 21 -10.46 8.30 28.95
C THR A 21 -9.15 7.97 29.64
N VAL A 22 -9.09 6.81 30.28
CA VAL A 22 -7.90 6.40 30.99
C VAL A 22 -6.85 5.90 30.01
N ALA A 23 -5.64 6.42 30.14
CA ALA A 23 -4.50 5.95 29.37
C ALA A 23 -3.78 4.83 30.09
N SER A 24 -3.59 4.97 31.40
CA SER A 24 -2.92 3.98 32.21
C SER A 24 -3.63 3.88 33.56
N ILE A 25 -3.75 2.66 34.06
CA ILE A 25 -4.38 2.40 35.34
C ILE A 25 -3.30 2.14 36.38
N SER A 26 -3.59 2.48 37.63
CA SER A 26 -2.69 2.16 38.72
C SER A 26 -2.54 0.64 38.85
N SER A 27 -1.30 0.19 38.93
CA SER A 27 -1.00 -1.25 38.98
C SER A 27 0.23 -1.46 39.84
N GLY A 28 0.12 -2.34 40.83
CA GLY A 28 1.19 -2.60 41.76
C GLY A 28 1.94 -3.88 41.44
N PRO A 29 2.65 -4.45 42.42
CA PRO A 29 3.37 -5.70 42.16
C PRO A 29 2.42 -6.77 41.68
N LYS A 30 2.91 -7.60 40.77
CA LYS A 30 2.08 -8.66 40.14
C LYS A 30 2.84 -9.98 40.17
N HIS A 31 2.28 -11.02 40.78
CA HIS A 31 2.81 -12.38 40.75
C HIS A 31 1.84 -13.21 39.93
N THR A 32 1.66 -12.78 38.69
CA THR A 32 0.67 -13.35 37.79
C THR A 32 1.13 -14.67 37.19
N GLN A 33 0.20 -15.62 37.12
CA GLN A 33 0.43 -16.87 36.43
C GLN A 33 -0.13 -16.81 35.02
N LYS A 34 -0.91 -15.78 34.72
CA LYS A 34 -1.42 -15.52 33.37
C LYS A 34 -0.51 -14.49 32.72
N VAL A 35 0.73 -14.90 32.45
CA VAL A 35 1.77 -14.03 31.91
C VAL A 35 1.32 -13.33 30.63
N PRO A 36 0.97 -12.03 30.67
CA PRO A 36 0.55 -11.36 29.44
C PRO A 36 1.70 -10.96 28.53
N ILE A 37 2.95 -11.05 29.01
CA ILE A 37 4.11 -10.59 28.24
C ILE A 37 4.76 -11.71 27.45
N LEU A 38 4.37 -12.96 27.69
CA LEU A 38 4.79 -14.09 26.89
C LEU A 38 3.62 -14.46 26.01
N THR A 39 3.87 -14.49 24.70
CA THR A 39 2.82 -14.70 23.72
C THR A 39 3.41 -15.51 22.58
N ALA A 40 2.72 -15.53 21.45
CA ALA A 40 3.23 -16.18 20.24
C ALA A 40 2.89 -15.32 19.04
N ASN A 41 3.87 -14.56 18.55
CA ASN A 41 3.65 -13.78 17.35
C ASN A 41 3.45 -14.66 16.14
N GLU A 42 3.63 -15.98 16.28
CA GLU A 42 3.37 -16.89 15.17
C GLU A 42 1.91 -16.85 14.77
N THR A 43 1.03 -16.38 15.65
CA THR A 43 -0.39 -16.39 15.41
C THR A 43 -0.84 -15.22 14.55
N GLY A 44 -0.04 -14.17 14.48
CA GLY A 44 -0.35 -13.01 13.66
C GLY A 44 -1.27 -12.02 14.34
N ALA A 45 -1.37 -12.07 15.66
CA ALA A 45 -2.16 -11.13 16.45
C ALA A 45 -1.24 -10.27 17.28
N THR A 46 -1.54 -8.97 17.36
CA THR A 46 -0.85 -8.06 18.27
C THR A 46 -1.65 -7.96 19.55
N MET A 47 -1.40 -8.87 20.48
CA MET A 47 -2.09 -8.84 21.75
C MET A 47 -1.86 -7.49 22.44
N PRO A 48 -2.90 -6.84 22.95
CA PRO A 48 -2.74 -5.48 23.51
C PRO A 48 -2.10 -5.47 24.90
N VAL A 49 -0.80 -5.71 24.94
CA VAL A 49 -0.05 -5.64 26.19
C VAL A 49 0.19 -4.17 26.51
N LEU A 50 -0.14 -3.79 27.74
CA LEU A 50 -0.06 -2.42 28.20
C LEU A 50 1.10 -2.23 29.16
N PRO A 51 1.55 -0.99 29.37
CA PRO A 51 2.58 -0.73 30.38
C PRO A 51 2.23 -1.31 31.74
N SER A 52 0.95 -1.34 32.08
CA SER A 52 0.50 -1.84 33.38
C SER A 52 0.78 -3.33 33.55
N ASP A 53 1.23 -4.01 32.50
CA ASP A 53 1.40 -5.46 32.51
C ASP A 53 2.83 -5.87 32.85
N SER A 54 3.79 -5.00 32.61
CA SER A 54 5.21 -5.29 32.78
C SER A 54 5.89 -4.39 33.80
N ILE A 55 5.26 -3.28 34.19
CA ILE A 55 5.79 -2.35 35.17
C ILE A 55 4.65 -1.88 36.06
N GLU A 56 4.99 -1.53 37.29
CA GLU A 56 4.02 -0.89 38.17
C GLU A 56 3.72 0.51 37.65
N THR A 57 2.45 0.82 37.43
CA THR A 57 2.08 2.09 36.82
C THR A 57 1.20 2.92 37.76
N ARG A 58 1.19 4.21 37.47
CA ARG A 58 0.22 5.13 38.04
C ARG A 58 -0.96 5.29 37.09
N THR A 59 -2.00 6.00 37.54
CA THR A 59 -3.19 6.24 36.74
C THR A 59 -3.07 7.57 36.02
N THR A 60 -3.04 7.54 34.69
CA THR A 60 -3.02 8.76 33.90
C THR A 60 -4.22 8.75 32.94
N TYR A 61 -4.53 9.92 32.43
CA TYR A 61 -5.63 10.10 31.49
C TYR A 61 -5.10 10.51 30.13
N MET A 62 -5.92 10.26 29.12
CA MET A 62 -5.49 10.47 27.73
C MET A 62 -5.45 11.95 27.41
N HIS A 63 -6.53 12.67 27.68
CA HIS A 63 -6.66 14.07 27.30
C HIS A 63 -6.46 14.21 25.79
N PHE A 64 -6.99 13.24 25.05
CA PHE A 64 -6.65 13.15 23.63
C PHE A 64 -7.67 12.28 22.92
N ASN A 65 -8.20 12.77 21.81
CA ASN A 65 -9.22 12.08 21.06
C ASN A 65 -8.68 11.44 19.79
N GLY A 66 -7.60 11.98 19.24
CA GLY A 66 -7.02 11.47 18.03
C GLY A 66 -7.75 11.99 16.83
N SER A 67 -8.01 13.29 16.85
CA SER A 67 -8.79 13.91 15.78
C SER A 67 -7.95 14.07 14.52
N GLU A 68 -6.65 14.22 14.68
CA GLU A 68 -5.77 14.52 13.57
C GLU A 68 -5.22 13.27 12.91
N THR A 69 -5.52 12.10 13.46
CA THR A 69 -5.10 10.82 12.91
C THR A 69 -6.27 10.12 12.20
N ASP A 70 -7.48 10.66 12.31
CA ASP A 70 -8.61 10.18 11.54
C ASP A 70 -8.28 10.32 10.05
N VAL A 71 -8.69 9.33 9.26
CA VAL A 71 -8.33 9.33 7.84
C VAL A 71 -8.84 10.58 7.15
N GLU A 72 -9.94 11.15 7.63
CA GLU A 72 -10.47 12.36 7.02
C GLU A 72 -9.45 13.49 7.13
N CYS A 73 -8.75 13.57 8.24
CA CYS A 73 -7.74 14.62 8.41
C CYS A 73 -6.40 14.21 7.82
N PHE A 74 -6.03 12.94 8.00
CA PHE A 74 -4.72 12.47 7.53
C PHE A 74 -4.59 12.65 6.02
N LEU A 75 -5.65 12.41 5.27
CA LEU A 75 -5.66 12.49 3.82
C LEU A 75 -6.45 13.70 3.32
N GLY A 76 -6.56 14.74 4.14
CA GLY A 76 -7.61 15.72 3.95
C GLY A 76 -7.24 17.19 3.95
N ARG A 77 -6.12 17.57 3.35
CA ARG A 77 -5.86 18.97 3.07
C ARG A 77 -5.49 19.14 1.61
N ALA A 78 -5.63 20.38 1.13
CA ALA A 78 -5.45 20.65 -0.29
C ALA A 78 -3.99 20.52 -0.68
N ALA A 79 -3.74 19.78 -1.75
CA ALA A 79 -2.40 19.57 -2.27
C ALA A 79 -2.40 19.85 -3.77
N CYS A 80 -1.32 20.48 -4.23
CA CYS A 80 -1.15 20.75 -5.65
C CYS A 80 -0.90 19.45 -6.40
N VAL A 81 -1.80 19.11 -7.30
CA VAL A 81 -1.77 17.82 -7.97
C VAL A 81 -1.47 17.95 -9.45
N HIS A 82 -1.44 19.17 -9.98
CA HIS A 82 -1.07 19.39 -11.37
C HIS A 82 -0.66 20.85 -11.53
N VAL A 83 0.33 21.08 -12.38
CA VAL A 83 0.73 22.44 -12.73
C VAL A 83 1.01 22.45 -14.22
N THR A 84 0.43 23.43 -14.91
CA THR A 84 0.64 23.59 -16.35
C THR A 84 0.71 25.08 -16.66
N GLU A 85 1.43 25.41 -17.71
CA GLU A 85 1.50 26.79 -18.19
C GLU A 85 0.76 26.88 -19.52
N ILE A 86 -0.11 27.86 -19.63
CA ILE A 86 -0.80 28.17 -20.87
C ILE A 86 -0.49 29.62 -21.23
N GLN A 87 -0.73 29.96 -22.49
CA GLN A 87 -0.38 31.27 -22.99
C GLN A 87 -1.59 31.95 -23.61
N ASN A 88 -1.57 33.27 -23.53
CA ASN A 88 -2.47 34.12 -24.29
C ASN A 88 -1.62 34.87 -25.31
N LYS A 89 -1.76 34.50 -26.57
CA LYS A 89 -0.99 35.13 -27.62
C LYS A 89 -1.79 35.07 -28.92
N ASP A 90 -1.32 35.85 -29.89
CA ASP A 90 -1.93 35.84 -31.21
C ASP A 90 -1.91 34.43 -31.79
N ALA A 91 -3.10 33.89 -32.05
CA ALA A 91 -3.26 32.51 -32.48
C ALA A 91 -3.33 32.38 -34.00
N THR A 92 -3.20 33.49 -34.73
CA THR A 92 -3.31 33.46 -36.18
C THR A 92 -2.08 32.78 -36.78
N GLY A 93 -2.31 31.71 -37.53
CA GLY A 93 -1.25 31.02 -38.22
C GLY A 93 -0.55 29.99 -37.34
N ILE A 94 -1.32 29.21 -36.60
CA ILE A 94 -0.80 28.12 -35.79
C ILE A 94 -1.66 26.89 -36.01
N ASP A 95 -1.00 25.76 -36.27
CA ASP A 95 -1.72 24.52 -36.56
C ASP A 95 -1.97 23.73 -35.28
N ASN A 96 -0.93 23.57 -34.45
CA ASN A 96 -1.03 22.83 -33.21
C ASN A 96 -1.12 23.84 -32.07
N HIS A 97 -2.35 24.09 -31.62
CA HIS A 97 -2.56 25.04 -30.53
C HIS A 97 -2.09 24.44 -29.22
N ARG A 98 -2.24 23.13 -29.06
CA ARG A 98 -1.78 22.45 -27.86
C ARG A 98 -0.28 22.61 -27.71
N GLU A 99 0.46 22.46 -28.82
CA GLU A 99 1.91 22.60 -28.77
C GLU A 99 2.28 24.03 -28.44
N ALA A 100 1.49 24.99 -28.94
CA ALA A 100 1.72 26.41 -28.70
C ALA A 100 1.33 26.80 -27.28
N LYS A 101 0.79 25.86 -26.51
CA LYS A 101 0.39 26.07 -25.13
C LYS A 101 -0.74 27.10 -25.03
N LEU A 102 -1.59 27.14 -26.06
CA LEU A 102 -2.76 27.99 -26.00
C LEU A 102 -3.80 27.40 -25.07
N PHE A 103 -3.82 26.09 -24.97
CA PHE A 103 -4.66 25.37 -24.02
C PHE A 103 -3.90 24.13 -23.59
N ASN A 104 -4.39 23.51 -22.53
CA ASN A 104 -3.79 22.29 -22.02
C ASN A 104 -4.86 21.50 -21.29
N ASP A 105 -4.84 20.19 -21.46
CA ASP A 105 -5.71 19.29 -20.74
C ASP A 105 -4.89 18.32 -19.90
N TRP A 106 -5.56 17.68 -18.95
CA TRP A 106 -4.87 16.83 -17.99
C TRP A 106 -5.85 15.83 -17.43
N LYS A 107 -5.59 14.54 -17.63
CA LYS A 107 -6.39 13.51 -17.00
C LYS A 107 -6.16 13.58 -15.50
N ILE A 108 -7.24 13.83 -14.75
CA ILE A 108 -7.12 14.02 -13.30
C ILE A 108 -6.59 12.76 -12.64
N ASN A 109 -5.60 12.94 -11.78
CA ASN A 109 -5.04 11.85 -10.99
C ASN A 109 -4.31 12.43 -9.80
N LEU A 110 -4.35 11.72 -8.68
CA LEU A 110 -3.67 12.14 -7.47
C LEU A 110 -2.36 11.37 -7.27
N SER A 111 -1.79 10.84 -8.34
CA SER A 111 -0.62 9.98 -8.28
C SER A 111 0.65 10.70 -8.68
N SER A 112 0.55 11.88 -9.28
CA SER A 112 1.68 12.59 -9.84
C SER A 112 2.53 13.26 -8.78
N LEU A 113 1.95 13.55 -7.62
CA LEU A 113 2.68 14.08 -6.48
C LEU A 113 2.91 12.97 -5.47
N VAL A 114 4.17 12.75 -5.10
CA VAL A 114 4.53 11.52 -4.41
C VAL A 114 4.07 11.56 -2.95
N GLN A 115 4.11 12.72 -2.29
CA GLN A 115 3.65 12.80 -0.91
C GLN A 115 2.22 12.29 -0.81
N LEU A 116 1.35 12.85 -1.65
CA LEU A 116 -0.05 12.46 -1.65
C LEU A 116 -0.19 11.01 -2.08
N ARG A 117 0.58 10.58 -3.07
CA ARG A 117 0.44 9.22 -3.56
C ARG A 117 0.78 8.24 -2.45
N LYS A 118 1.89 8.45 -1.75
CA LYS A 118 2.27 7.52 -0.69
C LYS A 118 1.21 7.49 0.40
N LYS A 119 0.67 8.66 0.76
CA LYS A 119 -0.35 8.69 1.79
C LYS A 119 -1.56 7.89 1.35
N LEU A 120 -1.99 8.06 0.11
CA LEU A 120 -3.16 7.34 -0.37
C LEU A 120 -2.86 5.86 -0.50
N GLU A 121 -1.63 5.53 -0.88
CA GLU A 121 -1.24 4.15 -1.13
C GLU A 121 -1.03 3.42 0.18
N LEU A 122 -1.19 4.11 1.30
CA LEU A 122 -1.22 3.42 2.58
C LEU A 122 -2.46 2.56 2.69
N PHE A 123 -3.42 2.73 1.77
CA PHE A 123 -4.66 1.97 1.75
C PHE A 123 -4.87 1.40 0.35
N THR A 124 -5.64 0.32 0.29
CA THR A 124 -5.91 -0.36 -0.97
C THR A 124 -7.07 0.30 -1.71
N TYR A 125 -8.17 0.52 -1.00
CA TYR A 125 -9.36 1.15 -1.56
C TYR A 125 -9.62 2.46 -0.82
N VAL A 126 -9.95 3.48 -1.59
CA VAL A 126 -10.19 4.81 -1.05
C VAL A 126 -11.40 5.39 -1.75
N ARG A 127 -12.31 5.96 -0.99
CA ARG A 127 -13.49 6.63 -1.53
C ARG A 127 -13.54 8.03 -0.96
N PHE A 128 -13.65 9.03 -1.83
CA PHE A 128 -13.72 10.41 -1.38
C PHE A 128 -14.37 11.27 -2.45
N ASP A 129 -14.92 12.39 -2.00
CA ASP A 129 -15.32 13.47 -2.87
C ASP A 129 -14.13 14.43 -3.03
N SER A 130 -14.09 15.11 -4.16
CA SER A 130 -12.97 15.97 -4.51
C SER A 130 -13.37 17.43 -4.44
N GLU A 131 -12.60 18.22 -3.72
CA GLU A 131 -12.69 19.67 -3.75
C GLU A 131 -11.48 20.22 -4.47
N TYR A 132 -11.70 20.89 -5.58
CA TYR A 132 -10.63 21.43 -6.42
C TYR A 132 -10.49 22.93 -6.22
N THR A 133 -9.25 23.37 -6.13
CA THR A 133 -8.92 24.80 -6.14
C THR A 133 -7.90 25.02 -7.24
N ILE A 134 -8.24 25.89 -8.18
CA ILE A 134 -7.36 26.22 -9.30
C ILE A 134 -6.84 27.63 -9.10
N LEU A 135 -5.53 27.75 -9.02
CA LEU A 135 -4.86 29.04 -8.87
C LEU A 135 -4.17 29.37 -10.19
N ALA A 136 -4.53 30.50 -10.77
CA ALA A 136 -3.92 31.00 -12.00
C ALA A 136 -3.07 32.22 -11.67
N THR A 137 -1.82 32.21 -12.12
CA THR A 137 -0.91 33.32 -11.90
C THR A 137 -0.27 33.71 -13.23
N ALA A 138 -0.25 35.01 -13.53
CA ALA A 138 0.21 35.50 -14.81
C ALA A 138 1.62 36.07 -14.69
N SER A 139 2.40 35.86 -15.75
CA SER A 139 3.72 36.46 -15.89
C SER A 139 3.87 36.95 -17.33
N GLN A 140 4.60 38.05 -17.49
CA GLN A 140 4.87 38.62 -18.81
C GLN A 140 6.37 38.81 -18.95
N PRO A 141 7.10 37.75 -19.28
CA PRO A 141 8.57 37.86 -19.30
C PRO A 141 9.07 38.87 -20.32
N ASP A 142 8.54 38.82 -21.55
CA ASP A 142 8.95 39.75 -22.58
C ASP A 142 8.38 41.15 -22.31
N SER A 143 8.80 42.10 -23.13
CA SER A 143 8.37 43.48 -22.96
C SER A 143 6.85 43.57 -23.06
N ALA A 144 6.23 44.15 -22.03
CA ALA A 144 4.80 44.37 -22.01
C ALA A 144 4.51 45.72 -21.39
N ASN A 145 3.50 46.41 -21.93
CA ASN A 145 3.17 47.75 -21.47
C ASN A 145 2.27 47.74 -20.25
N TYR A 146 1.67 46.60 -19.94
CA TYR A 146 0.69 46.51 -18.85
C TYR A 146 0.43 45.04 -18.61
N SER A 147 -0.29 44.76 -17.54
CA SER A 147 -0.70 43.40 -17.19
C SER A 147 -2.16 43.22 -17.60
N SER A 148 -2.41 42.22 -18.44
CA SER A 148 -3.73 41.97 -18.98
C SER A 148 -4.68 41.48 -17.89
N ASN A 149 -5.97 41.76 -18.09
CA ASN A 149 -7.04 41.25 -17.21
C ASN A 149 -7.61 40.00 -17.85
N LEU A 150 -6.88 38.89 -17.69
CA LEU A 150 -7.20 37.66 -18.40
C LEU A 150 -8.21 36.84 -17.62
N VAL A 151 -8.99 36.04 -18.34
CA VAL A 151 -9.95 35.11 -17.75
C VAL A 151 -9.59 33.70 -18.21
N VAL A 152 -9.52 32.78 -17.26
CA VAL A 152 -9.23 31.38 -17.51
C VAL A 152 -10.55 30.61 -17.53
N GLN A 153 -10.64 29.65 -18.44
CA GLN A 153 -11.71 28.67 -18.44
C GLN A 153 -11.12 27.32 -18.05
N ALA A 154 -11.53 26.79 -16.91
CA ALA A 154 -11.19 25.44 -16.49
C ALA A 154 -12.40 24.56 -16.72
N MET A 155 -12.30 23.65 -17.69
CA MET A 155 -13.40 22.80 -18.08
C MET A 155 -13.15 21.39 -17.57
N TYR A 156 -14.00 20.93 -16.67
CA TYR A 156 -14.01 19.54 -16.28
C TYR A 156 -14.72 18.74 -17.36
N VAL A 157 -13.99 17.85 -18.01
CA VAL A 157 -14.58 16.96 -19.01
C VAL A 157 -14.82 15.61 -18.35
N PRO A 158 -16.01 15.04 -18.44
CA PRO A 158 -16.28 13.71 -17.87
C PRO A 158 -15.35 12.65 -18.45
N PRO A 159 -15.14 11.55 -17.73
CA PRO A 159 -14.26 10.49 -18.23
C PRO A 159 -14.61 10.06 -19.64
N GLY A 160 -13.62 10.11 -20.53
CA GLY A 160 -13.80 9.62 -21.88
C GLY A 160 -14.41 10.62 -22.83
N ALA A 161 -14.82 11.79 -22.34
CA ALA A 161 -15.40 12.82 -23.19
C ALA A 161 -14.30 13.46 -24.04
N PRO A 162 -14.64 13.98 -25.22
CA PRO A 162 -13.61 14.58 -26.07
C PRO A 162 -13.03 15.86 -25.47
N ASN A 163 -11.70 15.93 -25.47
CA ASN A 163 -11.00 17.13 -25.06
C ASN A 163 -10.97 18.13 -26.22
N PRO A 164 -10.92 19.42 -25.92
CA PRO A 164 -10.77 20.40 -27.01
C PRO A 164 -9.50 20.18 -27.81
N LYS A 165 -9.59 20.45 -29.10
CA LYS A 165 -8.49 20.21 -30.02
C LYS A 165 -7.81 21.49 -30.46
N GLU A 166 -8.48 22.62 -30.33
CA GLU A 166 -7.89 23.91 -30.63
C GLU A 166 -8.38 24.90 -29.58
N TRP A 167 -7.75 26.08 -29.58
CA TRP A 167 -7.97 27.03 -28.49
C TRP A 167 -9.43 27.51 -28.46
N ASP A 168 -10.02 27.74 -29.62
CA ASP A 168 -11.39 28.22 -29.73
C ASP A 168 -12.31 27.18 -30.35
N ASP A 169 -12.05 25.91 -30.10
CA ASP A 169 -12.91 24.82 -30.52
C ASP A 169 -14.30 24.95 -29.88
N TYR A 170 -15.29 24.33 -30.51
CA TYR A 170 -16.64 24.37 -29.97
C TYR A 170 -16.78 23.47 -28.76
N THR A 171 -15.79 22.62 -28.48
CA THR A 171 -15.83 21.79 -27.28
C THR A 171 -15.87 22.64 -26.02
N TRP A 172 -15.28 23.84 -26.08
CA TRP A 172 -15.27 24.72 -24.93
C TRP A 172 -16.68 25.24 -24.63
N GLN A 173 -17.54 25.31 -25.64
CA GLN A 173 -18.90 25.81 -25.47
C GLN A 173 -19.85 24.65 -25.21
N SER A 174 -19.34 23.59 -24.61
CA SER A 174 -20.13 22.40 -24.30
C SER A 174 -21.29 22.73 -23.38
N ALA A 175 -22.47 22.29 -23.77
CA ALA A 175 -23.67 22.56 -22.99
C ALA A 175 -23.78 21.62 -21.78
N SER A 176 -22.82 20.72 -21.61
CA SER A 176 -22.87 19.69 -20.57
C SER A 176 -21.63 19.68 -19.69
N ASN A 177 -20.45 19.95 -20.26
CA ASN A 177 -19.22 19.91 -19.46
C ASN A 177 -19.23 21.04 -18.43
N PRO A 178 -19.04 20.74 -17.14
CA PRO A 178 -18.89 21.82 -16.16
C PRO A 178 -17.68 22.68 -16.48
N SER A 179 -17.87 23.99 -16.45
CA SER A 179 -16.81 24.94 -16.69
C SER A 179 -16.87 26.05 -15.66
N VAL A 180 -15.69 26.53 -15.26
CA VAL A 180 -15.57 27.65 -14.34
C VAL A 180 -14.69 28.71 -14.99
N PHE A 181 -15.18 29.95 -14.98
CA PHE A 181 -14.44 31.10 -15.49
C PHE A 181 -14.03 31.98 -14.33
N PHE A 182 -12.74 32.29 -14.25
CA PHE A 182 -12.22 33.10 -13.16
C PHE A 182 -11.05 33.92 -13.67
N LYS A 183 -10.79 35.03 -12.99
CA LYS A 183 -9.70 35.90 -13.38
C LYS A 183 -8.37 35.25 -13.03
N VAL A 184 -7.36 35.54 -13.85
CA VAL A 184 -5.99 35.16 -13.51
C VAL A 184 -5.55 35.96 -12.29
N GLY A 185 -4.83 35.30 -11.39
CA GLY A 185 -4.44 35.86 -10.12
C GLY A 185 -5.39 35.51 -9.00
N ASP A 186 -6.60 35.08 -9.32
CA ASP A 186 -7.60 34.64 -8.37
C ASP A 186 -7.74 33.12 -8.45
N THR A 187 -8.67 32.58 -7.67
CA THR A 187 -8.89 31.15 -7.61
C THR A 187 -10.32 30.80 -7.99
N SER A 188 -10.50 29.55 -8.38
CA SER A 188 -11.80 28.92 -8.50
C SER A 188 -11.86 27.78 -7.50
N ARG A 189 -13.06 27.49 -7.03
CA ARG A 189 -13.26 26.34 -6.16
C ARG A 189 -14.57 25.67 -6.52
N PHE A 190 -14.52 24.35 -6.68
CA PHE A 190 -15.69 23.56 -6.97
C PHE A 190 -15.43 22.13 -6.50
N SER A 191 -16.48 21.48 -6.02
CA SER A 191 -16.39 20.11 -5.56
C SER A 191 -16.87 19.19 -6.66
N VAL A 192 -16.27 18.01 -6.74
CA VAL A 192 -16.72 16.94 -7.62
C VAL A 192 -17.03 15.74 -6.74
N PRO A 193 -18.21 15.15 -6.83
CA PRO A 193 -18.50 13.97 -6.01
C PRO A 193 -17.62 12.79 -6.44
N TYR A 194 -17.64 11.76 -5.61
CA TYR A 194 -17.00 10.50 -5.97
C TYR A 194 -17.61 9.95 -7.25
N VAL A 195 -16.78 9.77 -8.27
CA VAL A 195 -17.25 9.48 -9.63
C VAL A 195 -16.79 8.10 -10.10
N GLY A 196 -16.28 7.28 -9.20
CA GLY A 196 -15.85 5.95 -9.58
C GLY A 196 -17.02 5.04 -9.89
N LEU A 197 -16.78 4.09 -10.78
CA LEU A 197 -17.81 3.12 -11.14
C LEU A 197 -18.06 2.15 -10.00
N ALA A 198 -16.99 1.64 -9.40
CA ALA A 198 -17.07 0.72 -8.27
C ALA A 198 -17.30 1.50 -6.99
N SER A 199 -17.54 0.76 -5.92
CA SER A 199 -17.87 1.39 -4.65
C SER A 199 -16.69 2.17 -4.08
N ALA A 200 -15.47 1.97 -4.60
CA ALA A 200 -14.31 2.70 -4.14
C ALA A 200 -13.26 2.71 -5.24
N TYR A 201 -12.38 3.71 -5.21
CA TYR A 201 -11.25 3.74 -6.14
C TYR A 201 -10.30 2.62 -5.81
N ASN A 202 -9.73 2.02 -6.85
CA ASN A 202 -8.71 0.97 -6.72
C ASN A 202 -7.34 1.61 -6.80
N CYS A 203 -6.81 2.00 -5.64
CA CYS A 203 -5.45 2.54 -5.61
C CYS A 203 -4.44 1.46 -5.97
N PHE A 204 -4.83 0.18 -5.90
CA PHE A 204 -4.04 -0.94 -6.38
C PHE A 204 -4.99 -1.89 -7.08
N TYR A 205 -4.58 -2.36 -8.25
CA TYR A 205 -5.38 -3.28 -9.04
C TYR A 205 -4.49 -4.39 -9.58
N ASP A 206 -4.68 -5.59 -9.07
CA ASP A 206 -3.92 -6.77 -9.48
C ASP A 206 -4.69 -7.52 -10.56
N GLY A 207 -4.83 -6.88 -11.70
CA GLY A 207 -5.59 -7.50 -12.78
C GLY A 207 -5.48 -6.74 -14.06
N TYR A 208 -6.27 -7.17 -15.04
CA TYR A 208 -6.28 -6.62 -16.38
C TYR A 208 -7.71 -6.25 -16.76
N SER A 209 -7.84 -5.49 -17.84
CA SER A 209 -9.16 -5.10 -18.30
C SER A 209 -9.91 -6.30 -18.88
N HIS A 210 -9.18 -7.30 -19.34
CA HIS A 210 -9.76 -8.52 -19.89
C HIS A 210 -8.64 -9.54 -20.06
N ASP A 211 -9.04 -10.79 -20.28
CA ASP A 211 -8.12 -11.92 -20.37
C ASP A 211 -7.44 -11.91 -21.73
N ASP A 212 -6.27 -11.26 -21.78
CA ASP A 212 -5.50 -11.09 -23.00
C ASP A 212 -4.03 -11.22 -22.63
N ALA A 213 -3.22 -11.68 -23.58
CA ALA A 213 -1.82 -11.95 -23.27
C ALA A 213 -0.98 -10.69 -23.19
N GLU A 214 -1.39 -9.63 -23.89
CA GLU A 214 -0.54 -8.47 -24.11
C GLU A 214 -1.06 -7.22 -23.41
N THR A 215 -2.22 -7.30 -22.77
CA THR A 215 -2.88 -6.13 -22.24
C THR A 215 -2.15 -5.59 -21.02
N GLN A 216 -2.35 -4.28 -20.79
CA GLN A 216 -1.69 -3.58 -19.70
C GLN A 216 -2.11 -4.14 -18.35
N TYR A 217 -1.18 -4.08 -17.39
CA TYR A 217 -1.38 -4.59 -16.04
C TYR A 217 -1.51 -3.42 -15.07
N GLY A 218 -2.43 -3.55 -14.13
CA GLY A 218 -2.54 -2.59 -13.04
C GLY A 218 -3.36 -1.38 -13.39
N ILE A 219 -2.85 -0.54 -14.30
CA ILE A 219 -3.56 0.66 -14.69
C ILE A 219 -4.93 0.27 -15.22
N THR A 220 -5.98 0.88 -14.66
CA THR A 220 -7.34 0.50 -14.99
C THR A 220 -8.21 1.74 -15.17
N VAL A 221 -9.33 1.54 -15.89
CA VAL A 221 -10.29 2.62 -16.11
C VAL A 221 -11.22 2.81 -14.93
N LEU A 222 -11.11 1.95 -13.91
CA LEU A 222 -11.95 2.07 -12.73
C LEU A 222 -11.68 3.37 -12.00
N ASN A 223 -10.44 3.86 -12.08
CA ASN A 223 -9.98 5.00 -11.30
C ASN A 223 -9.97 6.28 -12.12
N HIS A 224 -10.78 6.34 -13.17
CA HIS A 224 -10.89 7.55 -13.97
C HIS A 224 -11.71 8.58 -13.23
N MET A 225 -11.08 9.71 -12.91
CA MET A 225 -11.68 10.77 -12.12
C MET A 225 -12.13 11.94 -12.98
N GLY A 226 -11.92 11.85 -14.27
CA GLY A 226 -12.22 12.89 -15.23
C GLY A 226 -10.96 13.49 -15.82
N SER A 227 -11.10 14.71 -16.30
CA SER A 227 -10.00 15.44 -16.92
C SER A 227 -10.33 16.92 -16.88
N MET A 228 -9.30 17.76 -16.89
CA MET A 228 -9.47 19.20 -16.85
C MET A 228 -8.77 19.82 -18.06
N ALA A 229 -9.49 20.68 -18.78
CA ALA A 229 -8.92 21.45 -19.87
C ALA A 229 -8.87 22.91 -19.45
N PHE A 230 -7.81 23.60 -19.87
CA PHE A 230 -7.58 24.98 -19.49
C PHE A 230 -7.22 25.80 -20.72
N ARG A 231 -7.79 26.99 -20.81
CA ARG A 231 -7.42 27.96 -21.83
C ARG A 231 -7.61 29.35 -21.24
N ILE A 232 -7.00 30.33 -21.89
CA ILE A 232 -7.28 31.74 -21.60
C ILE A 232 -8.34 32.22 -22.56
N VAL A 233 -9.48 32.63 -22.02
CA VAL A 233 -10.62 32.97 -22.86
C VAL A 233 -10.33 34.22 -23.69
N ASN A 234 -9.53 35.13 -23.16
CA ASN A 234 -9.30 36.40 -23.82
C ASN A 234 -8.65 36.20 -25.19
N GLU A 235 -9.03 37.06 -26.13
CA GLU A 235 -8.29 37.17 -27.36
C GLU A 235 -6.91 37.75 -27.05
N HIS A 236 -6.06 37.81 -28.06
CA HIS A 236 -4.67 38.18 -27.84
C HIS A 236 -4.52 39.68 -27.64
N ASP A 237 -3.53 40.04 -26.82
CA ASP A 237 -3.07 41.40 -26.71
C ASP A 237 -1.85 41.58 -27.62
N GLU A 238 -1.18 42.71 -27.50
CA GLU A 238 -0.01 42.97 -28.34
C GLU A 238 1.20 42.19 -27.84
N HIS A 239 1.21 41.81 -26.58
CA HIS A 239 2.28 41.07 -25.93
C HIS A 239 1.78 39.69 -25.53
N LYS A 240 2.71 38.83 -25.15
CA LYS A 240 2.40 37.47 -24.72
C LYS A 240 2.34 37.40 -23.20
N THR A 241 1.29 36.78 -22.69
CA THR A 241 1.12 36.54 -21.26
C THR A 241 1.22 35.04 -20.98
N LEU A 242 2.09 34.68 -20.06
CA LEU A 242 2.25 33.30 -19.60
C LEU A 242 1.44 33.10 -18.34
N VAL A 243 0.50 32.16 -18.37
CA VAL A 243 -0.35 31.86 -17.24
C VAL A 243 0.01 30.47 -16.72
N LYS A 244 0.31 30.38 -15.44
CA LYS A 244 0.59 29.11 -14.78
C LYS A 244 -0.60 28.70 -13.95
N ILE A 245 -1.14 27.52 -14.23
CA ILE A 245 -2.33 27.01 -13.57
C ILE A 245 -1.91 25.91 -12.60
N ARG A 246 -2.22 26.11 -11.32
CA ARG A 246 -1.96 25.11 -10.29
C ARG A 246 -3.31 24.55 -9.85
N VAL A 247 -3.47 23.25 -9.97
CA VAL A 247 -4.68 22.57 -9.52
C VAL A 247 -4.40 21.97 -8.15
N TYR A 248 -5.22 22.33 -7.18
CA TYR A 248 -5.15 21.81 -5.83
C TYR A 248 -6.33 20.90 -5.58
N HIS A 249 -6.07 19.70 -5.10
CA HIS A 249 -7.11 18.74 -4.78
C HIS A 249 -7.17 18.56 -3.27
N ARG A 250 -8.38 18.56 -2.74
CA ARG A 250 -8.61 18.23 -1.35
C ARG A 250 -9.66 17.14 -1.28
N ALA A 251 -9.29 16.00 -0.71
CA ALA A 251 -10.21 14.90 -0.51
C ALA A 251 -11.04 15.15 0.74
N LYS A 252 -12.35 14.94 0.63
CA LYS A 252 -13.22 15.06 1.79
C LYS A 252 -14.24 13.93 1.76
N HIS A 253 -14.88 13.71 2.90
CA HIS A 253 -15.75 12.55 3.10
C HIS A 253 -15.00 11.27 2.74
N VAL A 254 -13.81 11.13 3.32
CA VAL A 254 -12.87 10.07 2.94
C VAL A 254 -13.24 8.78 3.66
N GLU A 255 -13.24 7.68 2.90
CA GLU A 255 -13.33 6.34 3.46
C GLU A 255 -12.20 5.51 2.87
N ALA A 256 -11.48 4.78 3.73
CA ALA A 256 -10.33 4.00 3.33
C ALA A 256 -10.40 2.59 3.90
N TRP A 257 -9.97 1.61 3.12
CA TRP A 257 -10.02 0.22 3.52
C TRP A 257 -8.65 -0.43 3.34
N ILE A 258 -8.43 -1.52 4.06
CA ILE A 258 -7.29 -2.42 3.87
C ILE A 258 -5.94 -1.69 3.98
N PRO A 259 -5.45 -1.43 5.19
CA PRO A 259 -4.14 -0.77 5.31
C PRO A 259 -3.08 -1.59 4.61
N ARG A 260 -2.04 -0.89 4.15
CA ARG A 260 -1.04 -1.45 3.26
C ARG A 260 0.36 -1.08 3.74
N ALA A 261 1.33 -1.85 3.31
CA ALA A 261 2.72 -1.53 3.60
C ALA A 261 3.12 -0.20 2.94
N PRO A 262 3.72 0.73 3.67
CA PRO A 262 4.06 2.03 3.07
C PRO A 262 5.06 1.89 1.93
N ARG A 263 5.00 2.84 1.02
CA ARG A 263 5.93 2.88 -0.11
C ARG A 263 7.33 3.21 0.37
N ALA A 264 8.30 2.42 -0.06
CA ALA A 264 9.68 2.60 0.35
C ALA A 264 10.56 3.12 -0.76
N LEU A 265 10.29 2.75 -2.00
CA LEU A 265 11.13 3.08 -3.13
C LEU A 265 10.49 4.17 -3.97
N PRO A 266 11.28 4.90 -4.74
CA PRO A 266 10.69 5.91 -5.63
C PRO A 266 9.71 5.30 -6.61
N TYR A 267 8.82 6.14 -7.11
CA TYR A 267 7.88 5.77 -8.14
C TYR A 267 8.49 6.07 -9.51
N THR A 268 7.92 5.45 -10.53
CA THR A 268 8.40 5.64 -11.89
C THR A 268 7.29 5.97 -12.87
N SER A 269 6.04 5.73 -12.54
CA SER A 269 4.91 5.92 -13.44
C SER A 269 3.64 5.97 -12.62
N ILE A 270 2.60 6.51 -13.20
CA ILE A 270 1.28 6.55 -12.57
C ILE A 270 0.58 5.23 -12.81
N GLY A 271 -0.01 4.69 -11.74
CA GLY A 271 -0.82 3.50 -11.84
C GLY A 271 -0.03 2.21 -11.75
N ARG A 272 1.28 2.28 -11.64
CA ARG A 272 2.15 1.13 -11.53
C ARG A 272 2.93 1.19 -10.22
N THR A 273 3.29 0.02 -9.73
CA THR A 273 4.09 -0.09 -8.52
C THR A 273 5.58 -0.21 -8.83
N ASN A 274 5.94 -0.05 -10.10
CA ASN A 274 7.32 -0.17 -10.53
C ASN A 274 8.21 0.82 -9.79
N TYR A 275 9.44 0.42 -9.57
CA TYR A 275 10.47 1.29 -9.03
C TYR A 275 11.70 1.21 -9.90
N PRO A 276 12.55 2.23 -9.88
CA PRO A 276 13.68 2.27 -10.81
C PRO A 276 14.72 1.22 -10.46
N LYS A 277 15.44 0.76 -11.48
CA LYS A 277 16.56 -0.13 -11.25
C LYS A 277 17.70 0.61 -10.58
N ASN A 278 18.44 -0.10 -9.72
CA ASN A 278 19.66 0.41 -9.11
C ASN A 278 19.34 1.49 -8.08
N THR A 279 18.21 1.34 -7.40
CA THR A 279 17.79 2.31 -6.40
C THR A 279 18.68 2.22 -5.16
N GLU A 280 18.73 3.30 -4.42
CA GLU A 280 19.53 3.35 -3.22
C GLU A 280 18.85 2.57 -2.09
N PRO A 281 19.63 2.04 -1.15
CA PRO A 281 19.02 1.33 -0.02
C PRO A 281 18.14 2.24 0.83
N VAL A 282 16.99 1.70 1.23
CA VAL A 282 16.04 2.43 2.06
C VAL A 282 16.50 2.40 3.51
N ILE A 283 16.78 1.22 4.03
CA ILE A 283 17.14 1.06 5.44
C ILE A 283 18.50 1.69 5.69
N LYS A 284 18.53 2.68 6.58
CA LYS A 284 19.79 3.34 6.91
C LYS A 284 20.77 2.35 7.49
N LYS A 285 22.04 2.48 7.10
CA LYS A 285 23.08 1.66 7.69
C LYS A 285 23.48 2.24 9.04
N ARG A 286 23.79 1.35 9.97
CA ARG A 286 24.14 1.75 11.33
C ARG A 286 25.57 2.24 11.41
N LYS A 287 25.76 3.39 12.06
CA LYS A 287 27.10 3.90 12.39
C LYS A 287 27.60 3.13 13.61
N GLY A 288 28.17 1.97 13.35
CA GLY A 288 28.54 1.02 14.37
C GLY A 288 27.83 -0.31 14.18
N ASP A 289 28.09 -1.22 15.11
CA ASP A 289 27.52 -2.55 15.06
C ASP A 289 26.10 -2.53 15.59
N ILE A 290 25.52 -3.71 15.77
CA ILE A 290 24.14 -3.81 16.21
C ILE A 290 23.97 -3.36 17.66
N LYS A 291 25.07 -3.20 18.40
CA LYS A 291 25.03 -2.85 19.81
C LYS A 291 25.13 -1.35 20.03
N SER A 292 25.44 -0.59 18.99
CA SER A 292 25.65 0.84 19.12
C SER A 292 24.32 1.56 19.37
N TYR A 293 24.36 2.60 20.19
CA TYR A 293 23.16 3.37 20.48
C TYR A 293 23.11 4.61 19.60
N VAL B 13 -5.18 -31.07 19.42
CA VAL B 13 -5.44 -31.51 18.06
C VAL B 13 -6.50 -30.62 17.42
N GLN B 14 -6.63 -30.74 16.10
CA GLN B 14 -7.70 -30.05 15.37
C GLN B 14 -8.00 -30.81 14.09
N GLN B 15 -9.25 -30.78 13.67
CA GLN B 15 -9.66 -31.39 12.42
C GLN B 15 -10.66 -30.48 11.73
N ILE B 16 -10.41 -30.20 10.45
CA ILE B 16 -11.33 -29.46 9.60
C ILE B 16 -11.71 -30.38 8.44
N THR B 17 -13.00 -30.67 8.34
CA THR B 17 -13.54 -31.54 7.30
C THR B 17 -14.42 -30.70 6.39
N LEU B 18 -14.02 -30.58 5.13
CA LEU B 18 -14.80 -29.87 4.12
C LEU B 18 -15.10 -30.84 2.99
N GLY B 19 -16.37 -31.09 2.75
CA GLY B 19 -16.78 -32.06 1.75
C GLY B 19 -16.18 -33.41 2.05
N ASN B 20 -15.42 -33.95 1.09
CA ASN B 20 -14.76 -35.24 1.24
C ASN B 20 -13.29 -35.08 1.62
N SER B 21 -12.92 -33.94 2.16
CA SER B 21 -11.54 -33.61 2.52
C SER B 21 -11.45 -33.34 4.00
N THR B 22 -10.29 -33.66 4.56
CA THR B 22 -10.04 -33.49 5.98
C THR B 22 -8.57 -33.18 6.18
N ILE B 23 -8.30 -32.16 6.98
CA ILE B 23 -6.95 -31.83 7.41
C ILE B 23 -6.93 -31.98 8.92
N THR B 24 -6.05 -32.84 9.41
CA THR B 24 -5.84 -33.04 10.83
C THR B 24 -4.52 -32.37 11.21
N THR B 25 -4.52 -31.72 12.35
CA THR B 25 -3.33 -31.04 12.84
C THR B 25 -3.15 -31.36 14.32
N GLN B 26 -2.00 -31.92 14.68
CA GLN B 26 -1.69 -32.20 16.06
C GLN B 26 -1.14 -30.96 16.77
N GLU B 27 -1.06 -29.84 16.05
CA GLU B 27 -0.80 -28.54 16.62
C GLU B 27 -2.14 -27.88 16.90
N ALA B 28 -2.21 -27.10 17.97
CA ALA B 28 -3.45 -26.37 18.29
C ALA B 28 -3.61 -25.23 17.29
N ALA B 29 -4.02 -25.60 16.07
CA ALA B 29 -4.03 -24.68 14.94
C ALA B 29 -4.99 -23.53 15.16
N ASN B 30 -4.44 -22.34 15.43
CA ASN B 30 -5.21 -21.11 15.55
C ASN B 30 -5.25 -20.41 14.20
N ALA B 31 -6.45 -20.07 13.74
CA ALA B 31 -6.64 -19.51 12.41
C ALA B 31 -6.74 -18.00 12.46
N VAL B 32 -6.09 -17.34 11.52
CA VAL B 32 -6.26 -15.90 11.31
C VAL B 32 -7.39 -15.71 10.32
N VAL B 33 -8.40 -14.95 10.73
CA VAL B 33 -9.49 -14.56 9.84
C VAL B 33 -9.24 -13.10 9.46
N CYS B 34 -8.87 -12.88 8.20
CA CYS B 34 -8.46 -11.57 7.74
C CYS B 34 -9.48 -10.51 8.14
N TYR B 35 -9.02 -9.55 8.94
CA TYR B 35 -9.84 -8.40 9.31
C TYR B 35 -11.07 -8.82 10.10
N ALA B 36 -10.95 -9.94 10.81
CA ALA B 36 -12.03 -10.45 11.66
C ALA B 36 -13.34 -10.55 10.88
N GLU B 37 -13.25 -10.87 9.59
CA GLU B 37 -14.42 -10.99 8.74
C GLU B 37 -14.42 -12.37 8.11
N TRP B 38 -15.46 -13.13 8.40
CA TRP B 38 -15.64 -14.44 7.78
C TRP B 38 -16.08 -14.28 6.33
N PRO B 39 -15.75 -15.23 5.47
CA PRO B 39 -16.32 -15.21 4.13
C PRO B 39 -17.84 -15.27 4.25
N GLU B 40 -18.51 -14.54 3.38
CA GLU B 40 -19.96 -14.53 3.38
C GLU B 40 -20.45 -14.42 1.94
N TYR B 41 -21.66 -14.91 1.72
CA TYR B 41 -22.31 -14.72 0.43
C TYR B 41 -22.71 -13.25 0.28
N LEU B 42 -22.73 -12.79 -0.96
CA LEU B 42 -23.09 -11.42 -1.26
C LEU B 42 -24.52 -11.12 -0.80
N PRO B 43 -24.72 -10.22 0.15
CA PRO B 43 -26.09 -9.86 0.54
C PRO B 43 -26.82 -9.04 -0.52
N ASP B 44 -28.15 -9.05 -0.41
CA ASP B 44 -29.00 -8.38 -1.39
C ASP B 44 -28.70 -6.89 -1.46
N VAL B 45 -28.38 -6.29 -0.32
CA VAL B 45 -28.20 -4.84 -0.27
C VAL B 45 -26.97 -4.43 -1.07
N ASP B 46 -26.00 -5.32 -1.20
CA ASP B 46 -24.75 -5.02 -1.89
C ASP B 46 -24.74 -5.51 -3.32
N ALA B 47 -25.73 -6.30 -3.72
CA ALA B 47 -25.72 -6.93 -5.02
C ALA B 47 -26.12 -5.97 -6.13
N SER B 48 -25.46 -6.10 -7.27
CA SER B 48 -25.78 -5.33 -8.46
C SER B 48 -26.21 -6.24 -9.60
N ASP B 49 -25.43 -7.29 -9.87
CA ASP B 49 -25.81 -8.28 -10.86
C ASP B 49 -27.12 -8.94 -10.45
N VAL B 50 -28.04 -9.08 -11.40
CA VAL B 50 -29.40 -9.52 -11.07
C VAL B 50 -29.56 -11.02 -11.12
N ASN B 51 -28.67 -11.73 -11.80
CA ASN B 51 -28.82 -13.17 -11.98
C ASN B 51 -28.71 -13.89 -10.65
N LYS B 52 -29.53 -14.92 -10.49
CA LYS B 52 -29.42 -15.80 -9.33
C LYS B 52 -28.08 -16.50 -9.35
N THR B 53 -27.31 -16.34 -8.27
CA THR B 53 -25.96 -16.89 -8.22
C THR B 53 -25.94 -18.41 -8.03
N SER B 54 -24.91 -19.03 -8.58
CA SER B 54 -24.66 -20.46 -8.43
C SER B 54 -23.73 -20.71 -7.24
N LYS B 55 -24.26 -21.32 -6.18
CA LYS B 55 -23.54 -21.59 -4.94
C LYS B 55 -23.18 -23.06 -4.84
N PRO B 56 -22.05 -23.49 -5.42
CA PRO B 56 -21.71 -24.93 -5.44
C PRO B 56 -21.71 -25.61 -4.07
N ASP B 57 -21.81 -26.94 -4.13
CA ASP B 57 -21.97 -27.83 -3.00
C ASP B 57 -20.58 -28.25 -2.48
N THR B 58 -20.53 -29.39 -1.81
CA THR B 58 -19.29 -30.07 -1.44
C THR B 58 -18.28 -30.10 -2.59
N SER B 59 -18.78 -30.05 -3.82
CA SER B 59 -17.94 -30.25 -4.99
C SER B 59 -16.79 -29.23 -5.06
N VAL B 60 -16.96 -28.05 -4.47
CA VAL B 60 -15.92 -27.03 -4.57
C VAL B 60 -15.42 -26.66 -3.19
N CYS B 61 -16.30 -26.71 -2.20
CA CYS B 61 -15.91 -26.37 -0.83
C CYS B 61 -15.16 -27.57 -0.28
N ARG B 62 -13.86 -27.61 -0.53
CA ARG B 62 -13.01 -28.73 -0.16
C ARG B 62 -11.58 -28.29 -0.31
N PHE B 63 -10.68 -29.02 0.34
CA PHE B 63 -9.27 -28.68 0.36
C PHE B 63 -8.58 -29.18 -0.91
N TYR B 64 -7.99 -28.25 -1.65
CA TYR B 64 -7.13 -28.56 -2.79
C TYR B 64 -5.69 -28.35 -2.38
N THR B 65 -4.87 -29.38 -2.53
CA THR B 65 -3.45 -29.30 -2.19
C THR B 65 -2.66 -28.96 -3.44
N LEU B 66 -1.89 -27.89 -3.37
CA LEU B 66 -0.99 -27.52 -4.45
C LEU B 66 0.29 -28.33 -4.35
N ASP B 67 1.03 -28.39 -5.46
CA ASP B 67 2.32 -29.06 -5.44
C ASP B 67 3.29 -28.36 -4.49
N SER B 68 4.08 -29.16 -3.80
CA SER B 68 4.92 -28.68 -2.73
C SER B 68 6.17 -27.98 -3.26
N LYS B 69 6.56 -26.92 -2.56
CA LYS B 69 7.82 -26.24 -2.81
C LYS B 69 8.88 -26.77 -1.86
N THR B 70 10.14 -26.68 -2.27
CA THR B 70 11.25 -27.09 -1.43
C THR B 70 11.89 -25.86 -0.83
N TRP B 71 11.96 -25.80 0.49
CA TRP B 71 12.56 -24.69 1.21
C TRP B 71 14.01 -25.04 1.49
N THR B 72 14.91 -24.36 0.80
CA THR B 72 16.35 -24.54 0.96
C THR B 72 16.90 -23.36 1.76
N THR B 73 18.20 -23.43 2.07
CA THR B 73 18.83 -22.40 2.87
C THR B 73 18.86 -21.05 2.15
N GLY B 74 18.76 -21.04 0.83
CA GLY B 74 18.91 -19.82 0.07
C GLY B 74 17.68 -19.47 -0.75
N SER B 75 16.54 -20.04 -0.40
CA SER B 75 15.30 -19.74 -1.11
C SER B 75 14.69 -18.43 -0.63
N LYS B 76 14.20 -17.64 -1.57
CA LYS B 76 13.70 -16.30 -1.26
C LYS B 76 12.24 -16.32 -0.85
N GLY B 77 11.45 -17.21 -1.43
CA GLY B 77 10.04 -17.31 -1.13
C GLY B 77 9.21 -17.64 -2.33
N TRP B 78 7.90 -17.74 -2.12
CA TRP B 78 6.98 -18.12 -3.17
C TRP B 78 5.75 -17.25 -3.05
N CYS B 79 5.06 -17.06 -4.18
CA CYS B 79 3.87 -16.24 -4.23
C CYS B 79 2.84 -16.95 -5.10
N TRP B 80 1.65 -17.15 -4.55
CA TRP B 80 0.49 -17.62 -5.28
C TRP B 80 -0.56 -16.52 -5.33
N LYS B 81 -1.32 -16.50 -6.42
CA LYS B 81 -2.41 -15.56 -6.58
C LYS B 81 -3.72 -16.33 -6.69
N LEU B 82 -4.70 -15.87 -5.94
CA LEU B 82 -6.02 -16.48 -5.94
C LEU B 82 -7.02 -15.60 -6.69
N PRO B 83 -8.00 -16.19 -7.38
CA PRO B 83 -8.25 -17.63 -7.48
C PRO B 83 -7.42 -18.33 -8.55
N ASP B 84 -6.39 -17.67 -9.06
CA ASP B 84 -5.63 -18.23 -10.18
C ASP B 84 -5.06 -19.61 -9.84
N ALA B 85 -4.56 -19.78 -8.62
CA ALA B 85 -3.89 -21.03 -8.26
C ALA B 85 -4.82 -22.23 -8.32
N LEU B 86 -6.13 -22.00 -8.25
CA LEU B 86 -7.11 -23.07 -8.21
C LEU B 86 -7.87 -23.19 -9.52
N LYS B 87 -7.38 -22.56 -10.58
CA LYS B 87 -8.12 -22.51 -11.83
C LYS B 87 -8.21 -23.88 -12.50
N ASP B 88 -7.35 -24.81 -12.09
CA ASP B 88 -7.29 -26.15 -12.66
C ASP B 88 -7.64 -27.22 -11.63
N MET B 89 -8.35 -26.84 -10.57
CA MET B 89 -8.63 -27.71 -9.43
C MET B 89 -10.07 -28.20 -9.48
N GLY B 90 -10.25 -29.41 -10.02
CA GLY B 90 -11.52 -30.09 -9.98
C GLY B 90 -12.67 -29.25 -10.47
N VAL B 91 -13.75 -29.21 -9.70
CA VAL B 91 -14.98 -28.60 -10.18
C VAL B 91 -14.90 -27.08 -10.06
N PHE B 92 -14.13 -26.59 -9.08
CA PHE B 92 -13.99 -25.16 -8.89
C PHE B 92 -13.40 -24.50 -10.14
N GLY B 93 -12.32 -25.07 -10.67
CA GLY B 93 -11.71 -24.50 -11.88
C GLY B 93 -12.71 -24.43 -13.02
N GLN B 94 -13.45 -25.51 -13.24
CA GLN B 94 -14.41 -25.55 -14.33
C GLN B 94 -15.44 -24.44 -14.16
N ASN B 95 -15.99 -24.32 -12.95
CA ASN B 95 -16.99 -23.29 -12.70
C ASN B 95 -16.40 -21.91 -12.91
N MET B 96 -15.14 -21.73 -12.52
CA MET B 96 -14.49 -20.44 -12.67
C MET B 96 -14.33 -20.09 -14.15
N PHE B 97 -14.23 -21.09 -14.99
CA PHE B 97 -14.03 -20.84 -16.42
C PHE B 97 -15.36 -20.71 -17.15
N PHE B 98 -16.42 -21.33 -16.63
CA PHE B 98 -17.69 -21.35 -17.34
C PHE B 98 -18.57 -20.17 -16.99
N HIS B 99 -18.28 -19.47 -15.91
CA HIS B 99 -19.09 -18.36 -15.45
C HIS B 99 -18.38 -17.05 -15.72
N SER B 100 -19.19 -16.01 -15.92
CA SER B 100 -18.64 -14.69 -16.18
C SER B 100 -18.15 -14.03 -14.89
N LEU B 101 -18.88 -14.21 -13.80
CA LEU B 101 -18.57 -13.54 -12.55
C LEU B 101 -18.42 -14.56 -11.43
N GLY B 102 -17.62 -14.22 -10.44
CA GLY B 102 -17.38 -15.09 -9.31
C GLY B 102 -16.75 -14.38 -8.13
N ARG B 103 -17.15 -14.75 -6.92
CA ARG B 103 -16.52 -14.29 -5.71
C ARG B 103 -16.36 -15.47 -4.76
N SER B 104 -15.29 -15.45 -3.95
CA SER B 104 -15.03 -16.57 -3.08
C SER B 104 -14.08 -16.15 -1.95
N GLY B 105 -14.32 -16.71 -0.76
CA GLY B 105 -13.33 -16.71 0.29
C GLY B 105 -12.44 -17.94 0.18
N TYR B 106 -11.45 -18.01 1.07
CA TYR B 106 -10.50 -19.12 1.07
C TYR B 106 -10.08 -19.44 2.48
N THR B 107 -9.87 -20.72 2.74
CA THR B 107 -9.15 -21.20 3.91
C THR B 107 -7.81 -21.72 3.42
N VAL B 108 -6.75 -20.98 3.69
CA VAL B 108 -5.41 -21.36 3.28
C VAL B 108 -4.75 -22.11 4.44
N HIS B 109 -4.16 -23.25 4.14
CA HIS B 109 -3.45 -24.06 5.13
C HIS B 109 -2.04 -24.35 4.62
N VAL B 110 -1.06 -23.62 5.16
CA VAL B 110 0.34 -23.83 4.80
C VAL B 110 0.97 -24.77 5.81
N GLN B 111 1.64 -25.81 5.31
CA GLN B 111 2.18 -26.89 6.13
C GLN B 111 3.67 -27.01 5.89
N CYS B 112 4.44 -27.04 6.99
CA CYS B 112 5.89 -27.26 6.88
C CYS B 112 6.38 -27.81 8.22
N ASN B 113 6.67 -29.10 8.25
CA ASN B 113 7.12 -29.76 9.47
C ASN B 113 8.62 -30.02 9.42
N ALA B 114 9.23 -29.98 10.60
CA ALA B 114 10.65 -30.29 10.76
C ALA B 114 10.83 -30.90 12.15
N THR B 115 12.08 -31.10 12.53
CA THR B 115 12.40 -31.64 13.84
C THR B 115 12.70 -30.51 14.82
N LYS B 116 12.94 -30.88 16.06
CA LYS B 116 13.26 -29.91 17.09
C LYS B 116 14.69 -29.41 16.97
N PHE B 117 15.42 -29.87 15.95
CA PHE B 117 16.78 -29.45 15.67
C PHE B 117 16.85 -28.44 14.54
N HIS B 118 15.76 -28.27 13.80
CA HIS B 118 15.72 -27.32 12.71
C HIS B 118 15.38 -25.93 13.25
N SER B 119 15.80 -24.91 12.53
CA SER B 119 15.42 -23.54 12.82
C SER B 119 15.10 -22.83 11.52
N GLY B 120 14.23 -21.85 11.61
CA GLY B 120 13.74 -21.14 10.45
C GLY B 120 12.33 -20.65 10.72
N CYS B 121 11.96 -19.61 9.98
CA CYS B 121 10.68 -18.94 10.19
C CYS B 121 10.12 -18.49 8.87
N LEU B 122 8.95 -18.99 8.53
CA LEU B 122 8.24 -18.56 7.32
C LEU B 122 7.22 -17.50 7.69
N LEU B 123 7.13 -16.47 6.86
CA LEU B 123 6.05 -15.50 6.93
C LEU B 123 5.02 -15.86 5.88
N VAL B 124 3.85 -16.31 6.32
CA VAL B 124 2.71 -16.59 5.47
C VAL B 124 1.78 -15.39 5.53
N VAL B 125 1.60 -14.69 4.41
CA VAL B 125 0.90 -13.42 4.39
C VAL B 125 -0.05 -13.38 3.19
N VAL B 126 -1.22 -12.81 3.41
CA VAL B 126 -2.24 -12.61 2.37
C VAL B 126 -2.33 -11.13 2.07
N ILE B 127 -2.06 -10.76 0.82
CA ILE B 127 -2.04 -9.38 0.37
C ILE B 127 -3.21 -9.18 -0.60
N PRO B 128 -4.24 -8.41 -0.23
CA PRO B 128 -5.27 -8.04 -1.21
C PRO B 128 -4.72 -7.04 -2.21
N GLU B 129 -5.04 -7.26 -3.48
CA GLU B 129 -4.63 -6.38 -4.57
C GLU B 129 -3.10 -6.23 -4.56
N HIS B 130 -2.42 -7.36 -4.64
CA HIS B 130 -0.95 -7.37 -4.65
C HIS B 130 -0.49 -7.11 -6.09
N GLN B 131 -0.59 -5.85 -6.49
CA GLN B 131 -0.14 -5.44 -7.82
C GLN B 131 1.38 -5.53 -7.88
N LEU B 132 1.88 -6.39 -8.77
CA LEU B 132 3.31 -6.65 -8.85
C LEU B 132 4.02 -5.57 -9.66
N ALA B 133 5.25 -5.32 -9.28
CA ALA B 133 6.09 -4.40 -10.02
C ALA B 133 6.83 -5.16 -11.12
N SER B 134 7.10 -4.46 -12.20
CA SER B 134 7.95 -4.98 -13.27
C SER B 134 9.40 -4.66 -12.97
N HIS B 135 10.28 -5.59 -13.31
CA HIS B 135 11.70 -5.41 -13.01
C HIS B 135 12.37 -4.47 -14.00
N GLU B 136 11.67 -4.03 -15.04
CA GLU B 136 12.25 -3.25 -16.11
C GLU B 136 12.19 -1.75 -15.83
N GLY B 137 11.35 -1.33 -14.90
CA GLY B 137 11.17 0.08 -14.60
C GLY B 137 10.25 0.78 -15.58
N GLY B 138 10.34 2.10 -15.58
CA GLY B 138 9.45 2.88 -16.43
C GLY B 138 8.01 2.54 -16.09
N ASN B 139 7.22 2.26 -17.13
CA ASN B 139 5.82 1.94 -16.97
C ASN B 139 5.49 0.59 -17.59
N VAL B 140 6.49 -0.30 -17.64
CA VAL B 140 6.26 -1.63 -18.19
C VAL B 140 5.29 -2.40 -17.32
N SER B 141 4.48 -3.24 -17.95
CA SER B 141 3.50 -4.07 -17.28
C SER B 141 4.00 -5.51 -17.14
N VAL B 142 3.56 -6.15 -16.07
CA VAL B 142 3.77 -7.58 -15.90
C VAL B 142 2.72 -8.32 -16.71
N LYS B 143 3.17 -9.22 -17.58
CA LYS B 143 2.27 -9.86 -18.53
C LYS B 143 1.34 -10.85 -17.84
N TYR B 144 0.24 -11.16 -18.52
CA TYR B 144 -0.81 -12.01 -17.94
C TYR B 144 -0.23 -13.35 -17.51
N THR B 145 0.65 -13.93 -18.32
CA THR B 145 1.11 -15.29 -18.04
C THR B 145 1.90 -15.36 -16.75
N PHE B 146 2.49 -14.25 -16.31
CA PHE B 146 3.32 -14.25 -15.11
C PHE B 146 2.51 -13.98 -13.87
N THR B 147 1.43 -13.21 -13.97
CA THR B 147 0.57 -12.93 -12.84
C THR B 147 -0.51 -13.98 -12.67
N HIS B 148 -0.64 -14.89 -13.64
CA HIS B 148 -1.56 -16.02 -13.58
C HIS B 148 -0.78 -17.31 -13.79
N PRO B 149 0.19 -17.60 -12.91
CA PRO B 149 1.03 -18.78 -13.12
C PRO B 149 0.31 -20.08 -12.86
N GLY B 150 -0.70 -20.08 -11.99
CA GLY B 150 -1.42 -21.28 -11.65
C GLY B 150 -0.93 -21.89 -10.35
N GLU B 151 -1.04 -23.20 -10.24
CA GLU B 151 -0.75 -23.87 -8.97
C GLU B 151 0.74 -23.84 -8.65
N ARG B 152 1.59 -23.53 -9.63
CA ARG B 152 3.02 -23.46 -9.40
C ARG B 152 3.41 -22.15 -8.73
N GLY B 153 2.64 -21.10 -8.97
CA GLY B 153 2.92 -19.80 -8.41
C GLY B 153 4.21 -19.20 -8.93
N ILE B 154 4.62 -18.15 -8.25
CA ILE B 154 5.86 -17.43 -8.57
C ILE B 154 6.91 -17.79 -7.54
N ASP B 155 8.07 -18.22 -8.01
CA ASP B 155 9.22 -18.49 -7.17
C ASP B 155 10.13 -17.28 -7.17
N LEU B 156 10.29 -16.65 -6.01
CA LEU B 156 11.01 -15.39 -5.94
C LEU B 156 12.50 -15.56 -6.12
N SER B 157 13.02 -16.79 -6.08
CA SER B 157 14.45 -17.02 -6.17
C SER B 157 14.90 -17.27 -7.60
N SER B 158 13.96 -17.47 -8.52
CA SER B 158 14.31 -17.64 -9.92
C SER B 158 14.74 -16.32 -10.53
N ALA B 159 15.20 -16.38 -11.78
CA ALA B 159 15.68 -15.20 -12.47
C ALA B 159 14.53 -14.45 -13.13
N ASN B 160 14.80 -13.20 -13.48
CA ASN B 160 13.82 -12.36 -14.14
C ASN B 160 13.51 -12.87 -15.55
N GLU B 161 12.31 -12.56 -16.02
CA GLU B 161 11.87 -12.89 -17.37
C GLU B 161 11.31 -11.64 -18.03
N VAL B 162 11.36 -11.63 -19.36
CA VAL B 162 10.79 -10.53 -20.13
C VAL B 162 9.29 -10.49 -19.88
N GLY B 163 8.84 -9.42 -19.22
CA GLY B 163 7.44 -9.24 -18.90
C GLY B 163 7.04 -9.82 -17.57
N GLY B 164 8.00 -10.36 -16.82
CA GLY B 164 7.75 -10.93 -15.52
C GLY B 164 7.89 -9.87 -14.43
N PRO B 165 7.41 -10.18 -13.24
CA PRO B 165 7.55 -9.24 -12.13
C PRO B 165 8.96 -9.23 -11.57
N VAL B 166 9.27 -8.17 -10.84
CA VAL B 166 10.52 -8.12 -10.08
C VAL B 166 10.44 -9.12 -8.93
N LYS B 167 11.60 -9.66 -8.56
CA LYS B 167 11.67 -10.76 -7.60
C LYS B 167 12.73 -10.49 -6.55
N ASP B 168 12.69 -9.32 -5.95
CA ASP B 168 13.47 -9.02 -4.75
C ASP B 168 12.51 -9.02 -3.57
N VAL B 169 12.58 -10.09 -2.77
CA VAL B 169 11.63 -10.27 -1.67
C VAL B 169 11.71 -9.14 -0.67
N ILE B 170 12.84 -8.43 -0.60
CA ILE B 170 12.98 -7.33 0.34
C ILE B 170 11.94 -6.27 0.06
N TYR B 171 11.54 -6.12 -1.19
CA TYR B 171 10.61 -5.06 -1.56
C TYR B 171 9.23 -5.60 -1.93
N ASN B 172 8.95 -6.87 -1.63
CA ASN B 172 7.60 -7.43 -1.76
C ASN B 172 7.11 -7.40 -3.20
N MET B 173 8.02 -7.21 -4.14
CA MET B 173 7.71 -7.17 -5.57
C MET B 173 6.84 -5.98 -5.92
N ASN B 174 6.74 -4.98 -5.04
CA ASN B 174 5.83 -3.86 -5.23
C ASN B 174 6.40 -2.54 -4.73
N GLY B 175 7.59 -2.52 -4.16
CA GLY B 175 8.24 -1.30 -3.74
C GLY B 175 8.00 -0.95 -2.28
N THR B 176 7.45 -1.88 -1.50
CA THR B 176 7.28 -1.72 -0.07
C THR B 176 8.22 -2.68 0.64
N LEU B 177 8.62 -2.32 1.87
CA LEU B 177 9.61 -3.12 2.56
C LEU B 177 8.99 -4.36 3.22
N LEU B 178 9.77 -5.43 3.27
CA LEU B 178 9.28 -6.72 3.76
C LEU B 178 8.86 -6.63 5.21
N GLY B 179 9.62 -5.90 6.03
CA GLY B 179 9.35 -5.83 7.44
C GLY B 179 7.93 -5.36 7.73
N ASN B 180 7.37 -4.58 6.82
CA ASN B 180 6.08 -3.94 7.02
C ASN B 180 4.92 -4.81 6.55
N LEU B 181 5.21 -6.02 6.07
CA LEU B 181 4.16 -6.85 5.50
C LEU B 181 3.26 -7.45 6.57
N LEU B 182 3.54 -7.16 7.84
CA LEU B 182 2.72 -7.66 8.93
C LEU B 182 1.43 -6.89 9.10
N ILE B 183 1.28 -5.77 8.38
CA ILE B 183 0.03 -5.03 8.40
C ILE B 183 -1.07 -5.84 7.73
N PHE B 184 -0.70 -6.75 6.83
CA PHE B 184 -1.65 -7.64 6.20
C PHE B 184 -1.92 -8.85 7.07
N PRO B 185 -3.04 -9.52 6.88
CA PRO B 185 -3.28 -10.78 7.60
C PRO B 185 -2.20 -11.80 7.30
N HIS B 186 -1.60 -12.32 8.36
CA HIS B 186 -0.43 -13.17 8.26
C HIS B 186 -0.37 -14.14 9.43
N GLN B 187 0.44 -15.18 9.27
CA GLN B 187 0.88 -16.04 10.36
C GLN B 187 2.32 -16.45 10.06
N PHE B 188 3.11 -16.62 11.12
CA PHE B 188 4.45 -17.17 10.98
C PHE B 188 4.40 -18.67 11.19
N ILE B 189 5.21 -19.39 10.42
CA ILE B 189 5.48 -20.79 10.69
C ILE B 189 6.90 -20.84 11.27
N ASN B 190 6.97 -20.81 12.59
CA ASN B 190 8.22 -20.89 13.33
C ASN B 190 8.51 -22.35 13.65
N LEU B 191 9.58 -22.91 13.06
CA LEU B 191 9.81 -24.34 13.12
C LEU B 191 9.93 -24.85 14.55
N ARG B 192 10.33 -24.00 15.49
CA ARG B 192 10.41 -24.42 16.88
C ARG B 192 9.01 -24.54 17.49
N THR B 193 8.06 -23.74 17.01
CA THR B 193 6.75 -23.63 17.61
C THR B 193 5.68 -24.43 16.85
N ASN B 194 5.49 -24.11 15.59
CA ASN B 194 4.36 -24.63 14.83
C ASN B 194 4.83 -25.06 13.45
N ASN B 195 4.04 -25.92 12.82
CA ASN B 195 4.36 -26.45 11.50
C ASN B 195 3.29 -26.09 10.48
N THR B 196 2.17 -25.51 10.91
CA THR B 196 1.07 -25.17 10.02
C THR B 196 0.65 -23.73 10.28
N ALA B 197 0.13 -23.09 9.25
CA ALA B 197 -0.49 -21.77 9.33
C ALA B 197 -1.82 -21.84 8.61
N THR B 198 -2.84 -21.20 9.21
CA THR B 198 -4.19 -21.19 8.66
C THR B 198 -4.68 -19.75 8.60
N ILE B 199 -5.04 -19.30 7.41
CA ILE B 199 -5.62 -17.97 7.20
C ILE B 199 -6.93 -18.14 6.45
N VAL B 200 -8.00 -17.58 7.01
CA VAL B 200 -9.31 -17.55 6.36
C VAL B 200 -9.48 -16.18 5.73
N ILE B 201 -9.61 -16.16 4.41
CA ILE B 201 -9.67 -14.95 3.59
C ILE B 201 -11.12 -14.73 3.15
N PRO B 202 -11.72 -13.58 3.45
CA PRO B 202 -13.00 -13.24 2.85
C PRO B 202 -12.82 -12.63 1.46
N TYR B 203 -13.92 -12.48 0.74
CA TYR B 203 -13.87 -11.81 -0.55
C TYR B 203 -13.62 -10.33 -0.33
N ILE B 204 -12.55 -9.82 -0.92
CA ILE B 204 -12.15 -8.42 -0.78
C ILE B 204 -12.09 -7.80 -2.16
N ASN B 205 -12.93 -6.80 -2.38
CA ASN B 205 -12.97 -6.12 -3.66
C ASN B 205 -13.82 -4.86 -3.54
N SER B 206 -13.53 -3.91 -4.42
CA SER B 206 -14.32 -2.68 -4.47
C SER B 206 -15.67 -2.91 -5.13
N VAL B 207 -15.83 -4.03 -5.83
CA VAL B 207 -17.06 -4.40 -6.51
C VAL B 207 -17.61 -5.63 -5.80
N PRO B 208 -18.93 -5.84 -5.78
CA PRO B 208 -19.47 -6.97 -5.02
C PRO B 208 -19.09 -8.33 -5.56
N ILE B 209 -18.98 -8.47 -6.87
CA ILE B 209 -18.52 -9.68 -7.54
C ILE B 209 -17.70 -9.24 -8.73
N ASP B 210 -16.85 -10.12 -9.22
CA ASP B 210 -15.94 -9.76 -10.29
C ASP B 210 -15.59 -10.96 -11.13
N SER B 211 -14.92 -10.69 -12.25
CA SER B 211 -14.40 -11.73 -13.12
C SER B 211 -13.22 -12.45 -12.46
N MET B 212 -13.33 -13.77 -12.32
CA MET B 212 -12.30 -14.53 -11.62
C MET B 212 -11.03 -14.70 -12.45
N THR B 213 -11.08 -14.45 -13.74
CA THR B 213 -9.98 -14.76 -14.63
C THR B 213 -9.01 -13.60 -14.74
N ARG B 214 -9.53 -12.39 -14.99
CA ARG B 214 -8.69 -11.25 -15.31
C ARG B 214 -8.18 -10.52 -14.08
N HIS B 215 -8.71 -10.84 -12.90
CA HIS B 215 -8.39 -10.14 -11.66
C HIS B 215 -8.09 -11.15 -10.56
N ASN B 216 -6.96 -10.99 -9.89
CA ASN B 216 -6.62 -11.80 -8.72
C ASN B 216 -6.93 -10.99 -7.46
N ASN B 217 -7.88 -11.50 -6.66
CA ASN B 217 -8.33 -10.76 -5.49
C ASN B 217 -7.22 -10.65 -4.45
N VAL B 218 -6.54 -11.75 -4.16
CA VAL B 218 -5.52 -11.79 -3.12
C VAL B 218 -4.29 -12.51 -3.64
N SER B 219 -3.19 -12.30 -2.95
CA SER B 219 -1.94 -13.00 -3.20
C SER B 219 -1.48 -13.62 -1.90
N LEU B 220 -1.13 -14.90 -1.96
CA LEU B 220 -0.54 -15.60 -0.83
C LEU B 220 0.97 -15.67 -1.01
N MET B 221 1.70 -15.07 -0.08
CA MET B 221 3.15 -15.08 -0.09
C MET B 221 3.64 -15.88 1.11
N VAL B 222 4.50 -16.85 0.84
CA VAL B 222 5.20 -17.60 1.88
C VAL B 222 6.67 -17.23 1.77
N ILE B 223 7.18 -16.50 2.76
CA ILE B 223 8.51 -15.92 2.69
C ILE B 223 9.34 -16.45 3.85
N PRO B 224 10.50 -17.07 3.61
CA PRO B 224 11.44 -17.35 4.70
C PRO B 224 12.02 -16.04 5.25
N ILE B 225 11.79 -15.81 6.53
CA ILE B 225 12.35 -14.65 7.22
C ILE B 225 13.62 -15.07 7.92
N ALA B 226 13.48 -15.94 8.91
CA ALA B 226 14.64 -16.59 9.49
C ALA B 226 15.03 -17.77 8.62
N PRO B 227 16.25 -17.79 8.07
CA PRO B 227 16.58 -18.83 7.09
C PRO B 227 16.56 -20.22 7.68
N LEU B 228 16.33 -21.20 6.82
CA LEU B 228 16.34 -22.60 7.24
C LEU B 228 17.75 -23.00 7.64
N THR B 229 17.91 -23.43 8.88
CA THR B 229 19.18 -23.99 9.36
C THR B 229 18.91 -25.43 9.82
N VAL B 230 19.28 -26.39 8.99
CA VAL B 230 19.05 -27.81 9.28
C VAL B 230 20.18 -28.30 10.20
N PRO B 231 19.95 -29.34 10.99
CA PRO B 231 21.03 -29.88 11.83
C PRO B 231 22.19 -30.41 11.00
N THR B 232 23.35 -30.52 11.64
CA THR B 232 24.55 -30.96 10.93
C THR B 232 24.29 -32.29 10.23
N GLY B 233 24.72 -32.38 8.97
CA GLY B 233 24.61 -33.59 8.22
C GLY B 233 23.23 -33.85 7.65
N ALA B 234 22.26 -33.00 7.96
CA ALA B 234 20.90 -33.17 7.49
C ALA B 234 20.74 -32.67 6.05
N THR B 235 19.72 -33.19 5.40
CA THR B 235 19.38 -32.71 4.06
C THR B 235 18.97 -31.23 4.15
N PRO B 236 19.56 -30.35 3.33
CA PRO B 236 19.38 -28.90 3.50
C PRO B 236 18.12 -28.37 2.82
N SER B 237 16.99 -29.02 3.07
CA SER B 237 15.75 -28.60 2.46
C SER B 237 14.57 -29.07 3.31
N LEU B 238 13.46 -28.36 3.17
CA LEU B 238 12.20 -28.78 3.74
C LEU B 238 11.13 -28.55 2.69
N PRO B 239 10.16 -29.44 2.57
CA PRO B 239 9.01 -29.17 1.71
C PRO B 239 8.00 -28.26 2.39
N ILE B 240 7.49 -27.29 1.62
CA ILE B 240 6.36 -26.46 2.05
C ILE B 240 5.17 -26.80 1.18
N THR B 241 4.05 -27.12 1.81
CA THR B 241 2.84 -27.53 1.11
C THR B 241 1.72 -26.56 1.44
N VAL B 242 0.99 -26.12 0.41
CA VAL B 242 -0.13 -25.20 0.56
C VAL B 242 -1.42 -25.95 0.23
N THR B 243 -2.40 -25.85 1.12
CA THR B 243 -3.71 -26.45 0.94
C THR B 243 -4.77 -25.35 1.06
N ILE B 244 -5.63 -25.24 0.06
CA ILE B 244 -6.63 -24.18 -0.02
C ILE B 244 -8.01 -24.78 -0.23
N ALA B 245 -9.00 -24.21 0.45
CA ALA B 245 -10.40 -24.59 0.25
C ALA B 245 -11.21 -23.34 -0.05
N PRO B 246 -11.87 -23.27 -1.22
CA PRO B 246 -12.81 -22.17 -1.45
C PRO B 246 -13.92 -22.18 -0.41
N MET B 247 -14.34 -20.98 0.02
CA MET B 247 -15.35 -20.83 1.06
C MET B 247 -16.37 -19.78 0.60
N CYS B 248 -17.65 -20.09 0.76
CA CYS B 248 -18.74 -19.19 0.35
C CYS B 248 -18.52 -18.69 -1.08
N THR B 249 -18.29 -19.64 -1.97
CA THR B 249 -18.04 -19.32 -3.37
C THR B 249 -19.37 -19.13 -4.11
N GLU B 250 -19.43 -18.10 -4.95
CA GLU B 250 -20.59 -17.83 -5.79
C GLU B 250 -20.14 -17.62 -7.22
N PHE B 251 -20.96 -18.08 -8.16
CA PHE B 251 -20.72 -17.86 -9.58
C PHE B 251 -21.98 -17.30 -10.22
N SER B 252 -21.79 -16.43 -11.19
CA SER B 252 -22.89 -15.83 -11.91
C SER B 252 -22.49 -15.63 -13.36
N GLY B 253 -23.48 -15.73 -14.25
CA GLY B 253 -23.28 -15.50 -15.66
C GLY B 253 -22.65 -16.67 -16.39
N ILE B 254 -23.29 -17.83 -16.32
CA ILE B 254 -22.80 -19.02 -17.01
C ILE B 254 -22.93 -18.82 -18.51
N ARG B 255 -21.94 -19.32 -19.25
CA ARG B 255 -21.87 -19.14 -20.70
C ARG B 255 -20.81 -20.10 -21.23
N SER B 256 -20.42 -19.92 -22.48
CA SER B 256 -19.34 -20.71 -23.04
C SER B 256 -18.07 -20.54 -22.20
N LYS B 257 -17.28 -21.60 -22.15
CA LYS B 257 -16.05 -21.58 -21.37
C LYS B 257 -15.10 -20.49 -21.86
N SER B 258 -14.57 -19.70 -20.92
CA SER B 258 -13.62 -18.64 -21.24
C SER B 258 -12.34 -19.23 -21.84
N ILE B 259 -11.70 -18.43 -22.68
CA ILE B 259 -10.41 -18.75 -23.26
C ILE B 259 -9.40 -17.74 -22.73
N VAL B 260 -8.43 -18.21 -21.95
CA VAL B 260 -7.39 -17.36 -21.38
C VAL B 260 -6.06 -17.78 -22.00
N PRO B 261 -5.02 -16.93 -21.96
CA PRO B 261 -3.71 -17.36 -22.47
C PRO B 261 -2.98 -18.21 -21.44
N GLN B 262 -2.60 -19.41 -21.83
CA GLN B 262 -1.92 -20.36 -20.96
C GLN B 262 -2.75 -20.67 -19.71
N GLY C 1 -29.73 45.03 0.44
CA GLY C 1 -28.39 44.44 0.69
C GLY C 1 -27.96 44.49 2.14
N LEU C 2 -27.62 43.33 2.69
CA LEU C 2 -27.15 43.27 4.07
C LEU C 2 -25.78 43.95 4.16
N PRO C 3 -25.64 45.03 4.93
CA PRO C 3 -24.31 45.65 5.06
C PRO C 3 -23.29 44.71 5.67
N THR C 4 -22.18 44.52 4.95
CA THR C 4 -21.10 43.64 5.38
C THR C 4 -19.78 44.38 5.33
N THR C 5 -18.81 43.85 6.06
CA THR C 5 -17.45 44.38 6.07
C THR C 5 -16.49 43.21 5.84
N THR C 6 -15.84 43.19 4.69
CA THR C 6 -14.90 42.13 4.38
C THR C 6 -13.66 42.28 5.26
N LEU C 7 -13.23 41.19 5.86
CA LEU C 7 -12.12 41.14 6.80
C LEU C 7 -10.82 40.84 6.09
N PRO C 8 -9.68 41.08 6.75
CA PRO C 8 -8.40 40.61 6.19
C PRO C 8 -8.41 39.10 5.97
N GLY C 9 -7.68 38.66 4.96
CA GLY C 9 -7.70 37.29 4.54
C GLY C 9 -8.76 36.98 3.51
N SER C 10 -9.61 37.95 3.19
CA SER C 10 -10.59 37.75 2.13
C SER C 10 -9.89 37.52 0.80
N GLY C 11 -10.28 36.45 0.13
CA GLY C 11 -9.71 36.11 -1.15
C GLY C 11 -8.46 35.28 -1.05
N GLN C 12 -8.06 34.90 0.15
CA GLN C 12 -6.88 34.06 0.34
C GLN C 12 -7.26 32.61 0.09
N PHE C 13 -6.29 31.84 -0.39
CA PHE C 13 -6.44 30.39 -0.51
C PHE C 13 -5.57 29.74 0.56
N LEU C 14 -6.20 29.38 1.66
CA LEU C 14 -5.55 28.64 2.74
C LEU C 14 -5.82 27.16 2.49
N THR C 15 -4.75 26.36 2.39
CA THR C 15 -4.86 24.97 1.93
C THR C 15 -5.50 24.05 2.96
N THR C 16 -5.97 24.57 4.10
CA THR C 16 -6.49 23.74 5.18
C THR C 16 -7.82 24.27 5.70
N ASP C 17 -8.56 25.04 4.90
CA ASP C 17 -9.71 25.76 5.44
C ASP C 17 -10.96 24.89 5.53
N ASP C 18 -11.26 24.06 4.52
CA ASP C 18 -12.33 23.08 4.62
C ASP C 18 -13.71 23.74 4.82
N ARG C 19 -14.17 24.39 3.76
CA ARG C 19 -15.49 25.02 3.74
C ARG C 19 -16.37 24.31 2.70
N GLN C 20 -17.63 24.71 2.65
CA GLN C 20 -18.52 24.21 1.61
C GLN C 20 -18.15 24.84 0.28
N SER C 21 -18.43 24.11 -0.80
CA SER C 21 -18.14 24.61 -2.14
C SER C 21 -19.17 24.07 -3.12
N PRO C 22 -19.46 24.81 -4.19
CA PRO C 22 -20.46 24.33 -5.14
C PRO C 22 -19.99 23.09 -5.88
N SER C 23 -20.94 22.23 -6.19
CA SER C 23 -20.65 20.99 -6.89
C SER C 23 -20.66 21.21 -8.41
N ALA C 24 -19.70 20.61 -9.09
CA ALA C 24 -19.62 20.70 -10.54
C ALA C 24 -20.54 19.69 -11.21
N LEU C 25 -20.96 18.66 -10.48
CA LEU C 25 -21.85 17.63 -10.99
C LEU C 25 -23.11 17.60 -10.13
N PRO C 26 -23.98 18.59 -10.29
CA PRO C 26 -25.22 18.59 -9.50
C PRO C 26 -26.07 17.39 -9.84
N ASN C 27 -26.69 16.82 -8.81
CA ASN C 27 -27.66 15.74 -8.92
C ASN C 27 -26.99 14.40 -9.21
N TYR C 28 -25.66 14.35 -9.19
CA TYR C 28 -24.95 13.11 -9.42
C TYR C 28 -25.15 12.18 -8.24
N GLU C 29 -25.43 10.91 -8.53
CA GLU C 29 -25.63 9.90 -7.49
C GLU C 29 -24.46 8.92 -7.51
N PRO C 30 -23.58 8.97 -6.52
CA PRO C 30 -22.42 8.07 -6.51
C PRO C 30 -22.80 6.62 -6.22
N THR C 31 -21.94 5.73 -6.69
CA THR C 31 -22.15 4.30 -6.48
C THR C 31 -22.39 4.03 -5.00
N PRO C 32 -23.37 3.18 -4.66
CA PRO C 32 -23.61 2.88 -3.25
C PRO C 32 -22.39 2.23 -2.60
N ARG C 33 -22.27 2.44 -1.30
CA ARG C 33 -21.19 1.88 -0.53
C ARG C 33 -21.52 0.42 -0.18
N ILE C 34 -20.67 -0.49 -0.60
CA ILE C 34 -20.79 -1.89 -0.25
C ILE C 34 -19.87 -2.16 0.93
N HIS C 35 -20.13 -3.25 1.63
CA HIS C 35 -19.26 -3.66 2.73
C HIS C 35 -17.94 -4.17 2.19
N ILE C 36 -16.85 -3.48 2.54
CA ILE C 36 -15.50 -3.94 2.27
C ILE C 36 -14.82 -4.16 3.62
N PRO C 37 -14.26 -5.32 3.90
CA PRO C 37 -13.58 -5.53 5.18
C PRO C 37 -12.34 -4.67 5.34
N GLY C 38 -11.95 -4.47 6.59
CA GLY C 38 -10.73 -3.76 6.88
C GLY C 38 -10.83 -2.26 6.69
N LYS C 39 -11.94 -1.66 7.11
CA LYS C 39 -12.10 -0.21 7.05
C LYS C 39 -11.25 0.45 8.12
N VAL C 40 -10.55 1.51 7.75
CA VAL C 40 -9.66 2.24 8.64
C VAL C 40 -10.29 3.59 8.95
N HIS C 41 -10.62 3.81 10.22
CA HIS C 41 -11.15 5.08 10.68
C HIS C 41 -10.05 6.03 11.12
N ASN C 42 -9.07 5.52 11.83
CA ASN C 42 -8.04 6.33 12.45
C ASN C 42 -6.69 5.64 12.29
N LEU C 43 -5.65 6.43 12.08
CA LEU C 43 -4.32 5.87 11.91
C LEU C 43 -3.78 5.33 13.22
N LEU C 44 -4.37 5.74 14.34
CA LEU C 44 -3.97 5.18 15.61
C LEU C 44 -4.42 3.73 15.73
N GLU C 45 -5.27 3.26 14.81
CA GLU C 45 -5.72 1.87 14.82
C GLU C 45 -4.65 0.96 14.23
N ILE C 46 -3.92 1.45 13.23
CA ILE C 46 -3.05 0.58 12.44
C ILE C 46 -1.63 0.60 13.00
N ILE C 47 -1.24 1.66 13.71
CA ILE C 47 0.10 1.72 14.30
C ILE C 47 0.21 0.73 15.44
N GLN C 48 -0.91 0.19 15.90
CA GLN C 48 -0.93 -0.78 16.98
C GLN C 48 -0.64 -2.19 16.50
N VAL C 49 -0.40 -2.37 15.20
CA VAL C 49 -0.05 -3.66 14.62
C VAL C 49 1.47 -3.77 14.60
N ASP C 50 1.99 -4.88 15.12
CA ASP C 50 3.44 -5.09 15.13
C ASP C 50 3.98 -5.28 13.72
N THR C 51 5.08 -4.60 13.42
CA THR C 51 5.85 -4.84 12.22
C THR C 51 7.31 -5.02 12.60
N LEU C 52 8.05 -5.71 11.73
CA LEU C 52 9.42 -6.07 12.02
C LEU C 52 10.31 -4.83 12.04
N ILE C 53 11.32 -4.85 12.90
CA ILE C 53 12.32 -3.79 12.98
C ILE C 53 13.57 -4.26 12.25
N PRO C 54 14.10 -3.50 11.31
CA PRO C 54 15.41 -3.84 10.75
C PRO C 54 16.53 -3.53 11.74
N MET C 55 16.50 -4.24 12.86
CA MET C 55 17.43 -3.96 13.96
C MET C 55 18.87 -4.19 13.53
N ASN C 56 19.11 -5.18 12.68
CA ASN C 56 20.47 -5.52 12.25
C ASN C 56 20.80 -4.78 10.95
N ASN C 57 20.72 -3.45 11.00
CA ASN C 57 20.94 -2.62 9.82
C ASN C 57 22.43 -2.30 9.66
N THR C 58 23.22 -3.36 9.55
CA THR C 58 24.67 -3.24 9.43
C THR C 58 25.16 -3.64 8.06
N HIS C 59 24.25 -3.86 7.12
CA HIS C 59 24.56 -4.32 5.77
C HIS C 59 24.60 -3.16 4.80
N THR C 60 25.36 -3.34 3.72
CA THR C 60 25.48 -2.29 2.72
C THR C 60 24.18 -2.10 1.96
N LYS C 61 23.49 -3.21 1.65
CA LYS C 61 22.22 -3.19 0.94
C LYS C 61 21.08 -3.58 1.89
N ASP C 62 19.86 -3.41 1.41
CA ASP C 62 18.68 -3.85 2.15
C ASP C 62 18.47 -5.34 1.91
N GLU C 63 18.51 -6.12 2.97
CA GLU C 63 18.37 -7.56 2.88
C GLU C 63 17.38 -8.05 3.92
N VAL C 64 16.93 -9.30 3.76
CA VAL C 64 16.10 -9.90 4.79
C VAL C 64 16.89 -10.03 6.07
N ASN C 65 18.22 -10.13 5.95
CA ASN C 65 19.08 -10.32 7.10
C ASN C 65 19.07 -9.10 8.01
N SER C 66 18.69 -7.94 7.48
CA SER C 66 18.61 -6.74 8.29
C SER C 66 17.61 -6.90 9.42
N TYR C 67 16.67 -7.84 9.28
CA TYR C 67 15.63 -8.07 10.26
C TYR C 67 15.99 -9.16 11.27
N LEU C 68 17.13 -9.83 11.09
CA LEU C 68 17.53 -10.96 11.91
C LEU C 68 18.59 -10.48 12.91
N ILE C 69 18.27 -10.52 14.20
CA ILE C 69 19.21 -10.18 15.25
C ILE C 69 19.99 -11.45 15.62
N PRO C 70 21.28 -11.54 15.30
CA PRO C 70 22.03 -12.77 15.58
C PRO C 70 22.22 -13.03 17.06
N LEU C 71 22.05 -14.30 17.44
CA LEU C 71 22.35 -14.79 18.78
C LEU C 71 23.41 -15.87 18.69
N ASN C 72 24.42 -15.76 19.54
CA ASN C 72 25.56 -16.66 19.52
C ASN C 72 25.55 -17.51 20.78
N ALA C 73 25.91 -18.78 20.65
CA ALA C 73 25.94 -19.69 21.78
C ALA C 73 27.18 -19.44 22.62
N ASN C 74 27.03 -19.63 23.93
CA ASN C 74 28.14 -19.60 24.88
C ASN C 74 28.69 -18.18 25.04
N ARG C 75 27.80 -17.20 25.07
CA ARG C 75 28.13 -15.82 25.38
C ARG C 75 27.55 -15.50 26.75
N GLN C 76 28.36 -14.90 27.61
CA GLN C 76 27.99 -14.68 29.00
C GLN C 76 28.08 -13.20 29.33
N ASN C 77 27.01 -12.68 29.95
CA ASN C 77 26.96 -11.27 30.39
C ASN C 77 27.26 -10.34 29.22
N GLU C 78 26.75 -10.69 28.05
CA GLU C 78 27.06 -9.98 26.83
C GLU C 78 25.81 -9.33 26.25
N GLN C 79 26.04 -8.36 25.38
CA GLN C 79 24.95 -7.61 24.76
C GLN C 79 24.53 -8.24 23.45
N VAL C 80 23.23 -8.28 23.24
CA VAL C 80 22.66 -8.79 22.00
C VAL C 80 22.46 -7.67 21.01
N PHE C 81 21.75 -6.61 21.41
CA PHE C 81 21.59 -5.42 20.59
C PHE C 81 21.38 -4.23 21.50
N GLY C 82 21.51 -3.05 20.92
CA GLY C 82 21.25 -1.81 21.62
C GLY C 82 20.90 -0.72 20.63
N THR C 83 19.87 0.06 20.93
CA THR C 83 19.42 1.10 20.01
C THR C 83 18.87 2.27 20.82
N ASN C 84 18.94 3.45 20.24
CA ASN C 84 18.22 4.59 20.79
C ASN C 84 16.74 4.49 20.39
N LEU C 85 15.91 5.29 21.05
CA LEU C 85 14.47 5.20 20.87
C LEU C 85 13.90 6.44 20.19
N PHE C 86 14.58 6.93 19.17
CA PHE C 86 14.03 7.92 18.26
C PHE C 86 13.20 7.19 17.21
N ILE C 87 11.91 7.03 17.49
CA ILE C 87 11.07 6.14 16.72
C ILE C 87 10.90 6.61 15.28
N GLY C 88 11.13 7.88 15.02
CA GLY C 88 11.04 8.40 13.66
C GLY C 88 12.40 8.49 13.01
N ASP C 89 13.30 7.58 13.36
CA ASP C 89 14.68 7.65 12.88
C ASP C 89 15.36 6.30 13.10
N GLY C 90 16.56 6.17 12.52
CA GLY C 90 17.38 4.99 12.75
C GLY C 90 16.69 3.71 12.31
N VAL C 91 16.67 2.73 13.21
CA VAL C 91 16.15 1.42 12.85
C VAL C 91 14.64 1.48 12.69
N PHE C 92 14.00 2.51 13.22
CA PHE C 92 12.55 2.59 13.23
C PHE C 92 12.01 3.34 12.03
N LYS C 93 12.88 4.00 11.26
CA LYS C 93 12.42 4.92 10.24
C LYS C 93 11.54 4.22 9.21
N THR C 94 11.78 2.94 8.94
CA THR C 94 11.12 2.25 7.86
C THR C 94 9.97 1.39 8.33
N THR C 95 9.85 1.15 9.64
CA THR C 95 8.76 0.36 10.18
C THR C 95 7.45 1.11 9.99
N LEU C 96 6.35 0.38 10.09
CA LEU C 96 5.05 1.00 9.95
C LEU C 96 4.88 2.10 10.98
N LEU C 97 5.26 1.83 12.23
CA LEU C 97 5.14 2.86 13.25
C LEU C 97 5.96 4.08 12.86
N GLY C 98 7.22 3.88 12.47
CA GLY C 98 8.05 5.02 12.09
C GLY C 98 7.50 5.77 10.89
N GLU C 99 6.93 5.05 9.93
CA GLU C 99 6.42 5.68 8.72
C GLU C 99 5.23 6.56 9.05
N ILE C 100 4.28 6.02 9.82
CA ILE C 100 3.13 6.83 10.19
C ILE C 100 3.58 7.97 11.11
N VAL C 101 4.63 7.75 11.90
CA VAL C 101 5.11 8.75 12.86
C VAL C 101 5.74 9.93 12.13
N GLN C 102 6.38 9.68 10.99
CA GLN C 102 7.06 10.75 10.28
C GLN C 102 6.09 11.72 9.64
N TYR C 103 4.81 11.40 9.60
CA TYR C 103 3.78 12.28 9.07
C TYR C 103 3.30 13.28 10.12
N TYR C 104 3.79 13.17 11.34
CA TYR C 104 3.41 14.03 12.45
C TYR C 104 4.68 14.52 13.12
N THR C 105 4.53 15.60 13.89
CA THR C 105 5.66 16.26 14.51
C THR C 105 5.85 15.85 15.96
N HIS C 106 4.75 15.62 16.68
CA HIS C 106 4.79 15.27 18.09
C HIS C 106 4.24 13.87 18.30
N TRP C 107 4.78 13.18 19.29
CA TRP C 107 4.27 11.88 19.68
C TRP C 107 4.36 11.70 21.19
N SER C 108 3.38 10.99 21.73
CA SER C 108 3.38 10.61 23.13
C SER C 108 2.82 9.20 23.22
N GLY C 109 3.07 8.55 24.35
CA GLY C 109 2.53 7.24 24.62
C GLY C 109 3.60 6.17 24.70
N SER C 110 3.15 4.97 25.00
CA SER C 110 4.03 3.83 25.19
C SER C 110 4.19 3.03 23.91
N LEU C 111 5.33 2.36 23.78
CA LEU C 111 5.63 1.51 22.64
C LEU C 111 5.61 0.06 23.09
N ARG C 112 5.18 -0.81 22.20
CA ARG C 112 5.21 -2.26 22.41
C ARG C 112 6.35 -2.85 21.61
N PHE C 113 7.36 -3.37 22.30
CA PHE C 113 8.49 -4.03 21.67
C PHE C 113 8.40 -5.52 21.89
N SER C 114 8.57 -6.29 20.82
CA SER C 114 8.46 -7.74 20.86
C SER C 114 9.72 -8.38 20.27
N LEU C 115 10.05 -9.55 20.80
CA LEU C 115 11.12 -10.38 20.26
C LEU C 115 10.55 -11.78 20.06
N MET C 116 10.85 -12.36 18.90
CA MET C 116 10.48 -13.73 18.59
C MET C 116 11.75 -14.53 18.38
N TYR C 117 11.87 -15.63 19.10
CA TYR C 117 13.00 -16.53 18.95
C TYR C 117 12.72 -17.53 17.84
N THR C 118 13.72 -17.75 16.99
CA THR C 118 13.56 -18.58 15.80
C THR C 118 14.51 -19.76 15.81
N GLY C 119 15.25 -19.98 16.90
CA GLY C 119 16.18 -21.06 16.97
C GLY C 119 15.49 -22.40 17.13
N PRO C 120 16.28 -23.48 17.18
CA PRO C 120 15.69 -24.80 17.31
C PRO C 120 14.94 -24.96 18.63
N ALA C 121 14.01 -25.91 18.63
CA ALA C 121 13.17 -26.11 19.80
C ALA C 121 13.99 -26.60 20.99
N LEU C 122 15.08 -27.32 20.73
CA LEU C 122 15.85 -27.93 21.79
C LEU C 122 16.93 -26.99 22.31
N SER C 123 16.90 -25.73 21.93
CA SER C 123 17.80 -24.73 22.49
C SER C 123 17.16 -24.09 23.72
N SER C 124 17.98 -23.36 24.47
CA SER C 124 17.53 -22.64 25.65
C SER C 124 18.30 -21.33 25.76
N ALA C 125 17.63 -20.32 26.30
CA ALA C 125 18.28 -19.02 26.50
C ALA C 125 17.42 -18.18 27.42
N LYS C 126 18.08 -17.46 28.32
CA LYS C 126 17.46 -16.40 29.10
C LYS C 126 18.09 -15.09 28.70
N LEU C 127 17.28 -14.15 28.21
CA LEU C 127 17.72 -12.83 27.84
C LEU C 127 17.09 -11.80 28.76
N ILE C 128 17.76 -10.67 28.91
CA ILE C 128 17.21 -9.53 29.66
C ILE C 128 17.12 -8.35 28.70
N LEU C 129 15.91 -7.89 28.46
CA LEU C 129 15.64 -6.74 27.60
C LEU C 129 15.42 -5.52 28.50
N ALA C 130 16.28 -4.51 28.36
CA ALA C 130 16.29 -3.38 29.26
C ALA C 130 15.90 -2.10 28.53
N TYR C 131 15.04 -1.31 29.14
CA TYR C 131 14.75 0.04 28.70
C TYR C 131 15.41 1.02 29.67
N THR C 132 16.32 1.83 29.15
CA THR C 132 16.98 2.85 29.94
C THR C 132 16.29 4.18 29.69
N PRO C 133 15.53 4.72 30.65
CA PRO C 133 14.87 6.01 30.44
C PRO C 133 15.87 7.10 30.17
N PRO C 134 15.44 8.21 29.58
CA PRO C 134 16.39 9.27 29.21
C PRO C 134 17.09 9.86 30.43
N GLY C 135 18.21 10.53 30.15
CA GLY C 135 19.03 11.14 31.17
C GLY C 135 20.31 10.37 31.43
N ALA C 136 20.31 9.07 31.15
CA ALA C 136 21.47 8.22 31.29
C ALA C 136 21.90 7.71 29.93
N ARG C 137 23.20 7.46 29.79
CA ARG C 137 23.77 6.92 28.57
C ARG C 137 23.19 5.54 28.26
N GLY C 138 23.43 5.08 27.04
CA GLY C 138 23.14 3.72 26.68
C GLY C 138 23.98 2.77 27.51
N PRO C 139 23.35 1.79 28.15
CA PRO C 139 24.09 0.93 29.07
C PRO C 139 25.19 0.17 28.35
N GLN C 140 26.36 0.13 28.99
CA GLN C 140 27.52 -0.50 28.38
C GLN C 140 27.80 -1.88 28.97
N ASP C 141 27.11 -2.25 30.04
CA ASP C 141 27.20 -3.57 30.64
C ASP C 141 25.83 -3.95 31.15
N ARG C 142 25.63 -5.25 31.37
CA ARG C 142 24.30 -5.72 31.77
C ARG C 142 23.91 -5.17 33.13
N ARG C 143 24.88 -5.01 34.03
CA ARG C 143 24.55 -4.49 35.36
C ARG C 143 23.91 -3.12 35.24
N GLU C 144 24.51 -2.26 34.43
CA GLU C 144 23.95 -0.92 34.22
C GLU C 144 22.56 -1.05 33.61
N ALA C 145 22.38 -1.98 32.68
CA ALA C 145 21.11 -2.11 31.96
C ALA C 145 20.00 -2.52 32.91
N MET C 146 20.27 -3.46 33.82
CA MET C 146 19.22 -4.03 34.70
C MET C 146 18.81 -3.10 35.84
N LEU C 147 19.37 -1.89 35.94
CA LEU C 147 18.92 -0.93 36.94
C LEU C 147 17.67 -0.17 36.48
N GLY C 148 17.41 -0.16 35.17
CA GLY C 148 16.23 0.46 34.62
C GLY C 148 15.13 -0.56 34.39
N THR C 149 14.13 -0.15 33.61
CA THR C 149 13.04 -1.04 33.23
C THR C 149 13.60 -2.21 32.42
N HIS C 150 13.33 -3.43 32.85
CA HIS C 150 13.85 -4.60 32.15
C HIS C 150 12.93 -5.79 32.34
N VAL C 151 13.06 -6.76 31.45
CA VAL C 151 12.32 -8.02 31.51
C VAL C 151 13.28 -9.16 31.29
N VAL C 152 13.35 -10.09 32.23
CA VAL C 152 14.12 -11.31 32.05
C VAL C 152 13.24 -12.30 31.30
N TRP C 153 13.69 -12.69 30.10
CA TRP C 153 12.91 -13.50 29.17
C TRP C 153 13.49 -14.90 29.10
N ASP C 154 12.70 -15.89 29.51
CA ASP C 154 13.09 -17.29 29.40
C ASP C 154 12.47 -17.85 28.13
N ILE C 155 13.32 -18.19 27.16
CA ILE C 155 12.86 -18.73 25.89
C ILE C 155 12.45 -20.19 26.10
N GLY C 156 11.20 -20.52 25.76
CA GLY C 156 10.68 -21.87 25.82
C GLY C 156 9.51 -22.09 24.87
N LEU C 157 8.39 -22.65 25.35
CA LEU C 157 7.27 -22.91 24.45
C LEU C 157 6.62 -21.61 23.88
N GLN C 158 6.48 -20.62 24.75
CA GLN C 158 6.28 -19.25 24.31
C GLN C 158 7.53 -18.55 23.79
N SER C 159 7.61 -18.44 22.47
CA SER C 159 8.81 -17.99 21.78
C SER C 159 8.87 -16.47 21.68
N THR C 160 7.88 -15.77 22.21
CA THR C 160 7.75 -14.33 22.03
C THR C 160 7.65 -13.65 23.38
N ILE C 161 8.49 -12.64 23.58
CA ILE C 161 8.39 -11.73 24.71
C ILE C 161 7.86 -10.41 24.20
N VAL C 162 6.98 -9.78 24.98
CA VAL C 162 6.43 -8.47 24.66
C VAL C 162 6.75 -7.56 25.84
N MET C 163 7.71 -6.66 25.67
CA MET C 163 8.02 -5.65 26.66
C MET C 163 7.46 -4.31 26.22
N THR C 164 6.77 -3.63 27.13
CA THR C 164 6.27 -2.29 26.87
C THR C 164 7.34 -1.29 27.26
N ILE C 165 7.52 -0.28 26.43
CA ILE C 165 8.37 0.86 26.77
C ILE C 165 7.48 1.96 27.33
N PRO C 166 7.32 2.03 28.65
CA PRO C 166 6.36 2.97 29.22
C PRO C 166 6.74 4.42 28.92
N TRP C 167 5.72 5.22 28.63
CA TRP C 167 5.92 6.65 28.44
C TRP C 167 6.60 7.22 29.68
N THR C 168 7.85 7.63 29.55
CA THR C 168 8.68 8.04 30.69
C THR C 168 9.26 9.40 30.33
N SER C 169 8.54 10.46 30.65
CA SER C 169 8.92 11.78 30.21
C SER C 169 8.32 12.80 31.14
N GLY C 170 8.99 13.94 31.26
CA GLY C 170 8.44 15.08 31.96
C GLY C 170 7.48 15.84 31.07
N VAL C 171 8.01 16.30 29.93
CA VAL C 171 7.20 16.97 28.93
C VAL C 171 6.19 16.00 28.35
N GLN C 172 5.00 16.50 28.05
CA GLN C 172 3.88 15.64 27.69
C GLN C 172 3.99 15.09 26.27
N PHE C 173 4.78 15.72 25.41
CA PHE C 173 4.94 15.26 24.03
C PHE C 173 6.41 15.36 23.64
N ARG C 174 6.82 14.41 22.82
CA ARG C 174 8.16 14.37 22.28
C ARG C 174 8.11 14.65 20.79
N TYR C 175 9.22 15.15 20.26
CA TYR C 175 9.32 15.38 18.83
C TYR C 175 9.60 14.08 18.11
N THR C 176 8.94 13.88 16.97
CA THR C 176 9.15 12.66 16.20
C THR C 176 10.54 12.67 15.59
N ASP C 177 11.08 13.84 15.29
CA ASP C 177 12.45 13.96 14.80
C ASP C 177 13.44 13.99 15.97
N PRO C 178 14.62 13.39 15.82
CA PRO C 178 15.59 13.32 16.93
C PRO C 178 15.92 14.68 17.52
N ASP C 179 15.77 14.78 18.84
CA ASP C 179 16.05 15.99 19.62
C ASP C 179 16.60 15.61 20.98
N THR C 180 17.59 16.38 21.45
CA THR C 180 18.22 16.06 22.74
C THR C 180 17.22 16.20 23.88
N TYR C 181 16.48 17.31 23.92
CA TYR C 181 15.57 17.54 25.05
C TYR C 181 14.50 16.45 25.12
N THR C 182 13.94 16.06 23.98
CA THR C 182 12.85 15.11 23.93
C THR C 182 13.35 13.70 23.64
N SER C 183 14.57 13.40 24.08
CA SER C 183 15.12 12.06 23.96
C SER C 183 14.29 11.05 24.73
N ALA C 184 14.13 9.87 24.16
CA ALA C 184 13.22 8.86 24.69
C ALA C 184 13.94 7.75 25.46
N GLY C 185 15.26 7.77 25.51
CA GLY C 185 16.03 6.77 26.22
C GLY C 185 16.66 5.73 25.31
N PHE C 186 16.90 4.53 25.84
CA PHE C 186 17.63 3.51 25.10
C PHE C 186 16.96 2.16 25.30
N LEU C 187 17.17 1.28 24.33
CA LEU C 187 16.70 -0.09 24.39
C LEU C 187 17.87 -1.02 24.11
N SER C 188 18.12 -1.97 25.01
CA SER C 188 19.21 -2.92 24.87
C SER C 188 18.72 -4.31 25.27
N CYS C 189 19.37 -5.33 24.74
CA CYS C 189 19.10 -6.71 25.11
C CYS C 189 20.42 -7.38 25.45
N TRP C 190 20.41 -8.18 26.50
CA TRP C 190 21.60 -8.83 27.03
C TRP C 190 21.31 -10.30 27.30
N TYR C 191 22.36 -11.10 27.28
CA TYR C 191 22.24 -12.48 27.72
C TYR C 191 22.09 -12.54 29.22
N GLN C 192 20.97 -13.08 29.70
CA GLN C 192 20.82 -13.29 31.13
C GLN C 192 21.67 -14.47 31.56
N THR C 193 21.39 -15.66 31.03
CA THR C 193 22.27 -16.79 31.26
C THR C 193 23.19 -16.96 30.06
N SER C 194 22.68 -17.53 28.99
CA SER C 194 23.44 -17.79 27.77
C SER C 194 22.51 -18.44 26.77
N LEU C 195 22.99 -18.61 25.54
CA LEU C 195 22.33 -19.45 24.56
C LEU C 195 23.02 -20.80 24.50
N ILE C 196 22.25 -21.88 24.63
CA ILE C 196 22.75 -23.24 24.54
C ILE C 196 22.05 -23.95 23.39
N LEU C 197 22.80 -24.36 22.42
CA LEU C 197 22.28 -25.10 21.29
C LEU C 197 22.40 -26.60 21.54
N PRO C 198 21.49 -27.41 21.02
CA PRO C 198 21.61 -28.86 21.17
C PRO C 198 22.76 -29.39 20.33
N PRO C 199 23.22 -30.61 20.59
CA PRO C 199 24.23 -31.21 19.71
C PRO C 199 23.70 -31.31 18.29
N GLU C 200 24.61 -31.41 17.34
CA GLU C 200 24.30 -31.54 15.93
C GLU C 200 23.79 -30.24 15.33
N THR C 201 23.77 -29.16 16.09
CA THR C 201 23.37 -27.85 15.61
C THR C 201 24.49 -26.88 15.90
N THR C 202 24.74 -25.96 14.98
CA THR C 202 25.80 -24.98 15.13
C THR C 202 25.43 -23.75 14.31
N GLY C 203 26.10 -22.65 14.61
CA GLY C 203 25.91 -21.42 13.89
C GLY C 203 25.04 -20.44 14.66
N GLN C 204 24.61 -19.41 13.96
CA GLN C 204 23.84 -18.34 14.57
C GLN C 204 22.36 -18.67 14.48
N VAL C 205 21.67 -18.50 15.59
CA VAL C 205 20.23 -18.44 15.62
C VAL C 205 19.85 -16.97 15.68
N TYR C 206 18.59 -16.67 15.40
CA TYR C 206 18.18 -15.30 15.18
C TYR C 206 16.95 -14.94 16.00
N LEU C 207 16.89 -13.68 16.39
CA LEU C 207 15.70 -13.07 16.97
C LEU C 207 15.07 -12.16 15.93
N LEU C 208 13.74 -12.10 15.95
CA LEU C 208 12.98 -11.11 15.21
C LEU C 208 12.42 -10.09 16.19
N SER C 209 12.70 -8.82 15.95
CA SER C 209 12.21 -7.74 16.79
C SER C 209 11.06 -7.03 16.10
N PHE C 210 9.98 -6.79 16.84
CA PHE C 210 8.80 -6.12 16.33
C PHE C 210 8.55 -4.85 17.15
N ILE C 211 7.99 -3.84 16.49
CA ILE C 211 7.61 -2.61 17.15
C ILE C 211 6.14 -2.33 16.86
N SER C 212 5.46 -1.75 17.84
CA SER C 212 4.09 -1.30 17.67
C SER C 212 3.78 -0.30 18.78
N ALA C 213 2.62 0.33 18.66
CA ALA C 213 2.17 1.35 19.60
C ALA C 213 1.16 0.75 20.57
N CYS C 214 1.21 1.20 21.81
CA CYS C 214 0.19 0.88 22.78
C CYS C 214 -1.07 1.71 22.51
N PRO C 215 -2.23 1.27 23.00
CA PRO C 215 -3.46 2.05 22.77
C PRO C 215 -3.43 3.46 23.35
N ASP C 216 -2.43 3.84 24.14
CA ASP C 216 -2.34 5.19 24.69
C ASP C 216 -1.51 6.12 23.83
N PHE C 217 -1.28 5.75 22.57
CA PHE C 217 -0.39 6.50 21.69
C PHE C 217 -1.08 7.74 21.13
N LYS C 218 -0.28 8.79 20.92
CA LYS C 218 -0.78 10.06 20.43
C LYS C 218 0.15 10.59 19.35
N LEU C 219 -0.44 11.20 18.32
CA LEU C 219 0.31 11.89 17.28
C LEU C 219 -0.43 13.17 16.93
N ARG C 220 0.26 14.30 16.96
CA ARG C 220 -0.42 15.59 16.91
C ARG C 220 -0.27 16.32 15.58
N LEU C 221 0.91 16.82 15.26
CA LEU C 221 1.03 17.93 14.31
C LEU C 221 1.50 17.40 12.95
N MET C 222 0.60 17.44 11.97
CA MET C 222 0.88 16.87 10.66
C MET C 222 2.02 17.60 9.97
N LYS C 223 2.87 16.82 9.32
CA LYS C 223 3.96 17.36 8.52
C LYS C 223 4.20 16.41 7.36
N ASP C 224 4.99 16.89 6.40
CA ASP C 224 5.38 16.05 5.28
C ASP C 224 6.39 15.01 5.76
N THR C 225 6.41 13.87 5.09
CA THR C 225 7.37 12.81 5.38
C THR C 225 8.59 12.95 4.49
N GLN C 226 9.77 12.72 5.07
CA GLN C 226 11.02 12.82 4.34
C GLN C 226 11.48 11.48 3.77
N THR C 227 10.58 10.50 3.71
CA THR C 227 10.93 9.16 3.24
C THR C 227 10.96 9.09 1.72
N ILE C 228 10.05 9.80 1.06
CA ILE C 228 9.93 9.75 -0.39
C ILE C 228 10.05 11.17 -0.92
N SER C 229 10.65 11.29 -2.10
CA SER C 229 10.92 12.59 -2.71
C SER C 229 10.66 12.49 -4.20
N GLN C 230 10.47 13.65 -4.82
CA GLN C 230 10.37 13.72 -6.27
C GLN C 230 10.91 15.05 -6.75
N THR C 231 11.51 15.02 -7.94
CA THR C 231 12.02 16.22 -8.58
C THR C 231 11.28 16.51 -9.88
N VAL C 232 10.40 15.62 -10.30
CA VAL C 232 9.73 15.71 -11.59
C VAL C 232 8.35 15.06 -11.45
N ALA C 233 7.37 15.64 -12.12
CA ALA C 233 6.02 15.08 -12.08
C ALA C 233 6.00 13.74 -12.81
N LEU C 234 5.20 12.81 -12.30
CA LEU C 234 5.10 11.48 -12.90
C LEU C 234 3.99 11.47 -13.94
N THR C 235 4.08 10.52 -14.87
CA THR C 235 3.06 10.34 -15.89
C THR C 235 2.66 8.87 -15.98
N GLU C 236 1.72 8.57 -16.87
CA GLU C 236 1.29 7.20 -17.09
C GLU C 236 2.13 6.48 -18.14
N THR D 25 -21.28 25.62 20.40
CA THR D 25 -19.93 26.11 20.12
C THR D 25 -19.63 26.17 18.63
N PHE D 26 -20.55 25.70 17.79
CA PHE D 26 -20.26 25.56 16.38
C PHE D 26 -21.54 25.33 15.59
N THR D 27 -21.56 25.84 14.37
CA THR D 27 -22.77 25.96 13.56
C THR D 27 -22.43 25.72 12.09
N VAL D 28 -23.28 24.95 11.41
CA VAL D 28 -23.16 24.76 9.97
C VAL D 28 -24.55 24.73 9.34
N ILE D 29 -24.74 25.55 8.31
CA ILE D 29 -25.92 25.52 7.47
C ILE D 29 -25.47 24.95 6.12
N ASN D 30 -26.24 24.04 5.54
CA ASN D 30 -25.92 23.51 4.23
C ASN D 30 -26.42 24.47 3.16
N TYR D 31 -25.51 25.04 2.38
CA TYR D 31 -25.89 26.03 1.40
C TYR D 31 -26.15 25.43 0.03
N TYR D 32 -25.79 24.16 -0.18
CA TYR D 32 -25.89 23.52 -1.46
C TYR D 32 -26.65 22.21 -1.32
N LYS D 33 -27.25 21.78 -2.41
CA LYS D 33 -28.16 20.65 -2.37
C LYS D 33 -27.43 19.32 -2.37
N ASP D 34 -26.16 19.31 -2.79
CA ASP D 34 -25.38 18.11 -2.96
C ASP D 34 -24.60 17.76 -1.71
N ALA D 35 -24.54 16.47 -1.40
CA ALA D 35 -23.76 16.01 -0.26
C ALA D 35 -22.27 16.21 -0.51
N ALA D 36 -21.84 16.22 -1.78
CA ALA D 36 -20.43 16.39 -2.10
C ALA D 36 -19.96 17.81 -1.79
N SER D 37 -20.89 18.75 -1.60
CA SER D 37 -20.54 20.14 -1.38
C SER D 37 -20.27 20.44 0.08
N THR D 38 -20.76 19.58 0.98
CA THR D 38 -20.58 19.82 2.41
C THR D 38 -19.10 19.75 2.78
N SER D 39 -18.74 20.45 3.84
CA SER D 39 -17.39 20.39 4.36
C SER D 39 -17.08 18.99 4.89
N SER D 40 -15.83 18.78 5.30
CA SER D 40 -15.40 17.47 5.77
C SER D 40 -16.27 16.99 6.93
N ALA D 41 -16.34 15.67 7.08
CA ALA D 41 -17.30 15.06 8.00
C ALA D 41 -16.84 15.09 9.45
N GLY D 42 -15.54 15.13 9.69
CA GLY D 42 -15.04 15.10 11.05
C GLY D 42 -14.46 13.76 11.44
N GLN D 43 -14.63 13.38 12.71
CA GLN D 43 -13.99 12.19 13.25
C GLN D 43 -14.93 10.99 13.36
N SER D 44 -14.45 9.85 12.88
CA SER D 44 -15.07 8.55 13.10
C SER D 44 -14.92 8.08 14.54
N LEU D 45 -16.00 8.23 15.31
CA LEU D 45 -15.96 7.99 16.75
C LEU D 45 -15.46 6.57 17.01
N SER D 46 -16.20 5.58 16.51
CA SER D 46 -16.07 4.21 16.97
C SER D 46 -14.83 3.51 16.41
N MET D 47 -13.62 3.93 16.82
CA MET D 47 -12.40 3.38 16.24
C MET D 47 -11.91 2.24 17.11
N ASP D 48 -11.64 1.10 16.48
CA ASP D 48 -11.33 -0.15 17.15
C ASP D 48 -10.30 -0.93 16.33
N PRO D 49 -9.07 -1.11 16.82
CA PRO D 49 -8.03 -1.75 16.00
C PRO D 49 -8.05 -3.27 16.03
N SER D 50 -8.95 -3.89 16.79
CA SER D 50 -8.93 -5.35 16.88
C SER D 50 -9.15 -6.01 15.53
N LYS D 51 -9.80 -5.33 14.60
CA LYS D 51 -9.90 -5.86 13.21
C LYS D 51 -8.51 -6.26 12.76
N PHE D 52 -7.47 -5.45 13.02
CA PHE D 52 -6.13 -5.64 12.47
C PHE D 52 -5.17 -6.28 13.47
N THR D 53 -5.37 -6.02 14.76
CA THR D 53 -4.41 -6.47 15.77
C THR D 53 -4.81 -7.81 16.36
N GLU D 54 -6.10 -8.13 16.39
CA GLU D 54 -6.60 -9.37 16.97
C GLU D 54 -7.53 -10.07 15.99
N PRO D 55 -7.04 -10.41 14.80
CA PRO D 55 -7.88 -11.12 13.82
C PRO D 55 -7.90 -12.63 14.00
N VAL D 56 -7.40 -13.13 15.12
CA VAL D 56 -7.29 -14.57 15.36
C VAL D 56 -8.58 -15.05 16.01
N LYS D 57 -9.13 -16.13 15.47
CA LYS D 57 -10.29 -16.80 16.06
C LYS D 57 -10.02 -18.28 16.05
N ASP D 58 -10.44 -18.98 17.10
CA ASP D 58 -10.41 -20.43 17.05
C ASP D 58 -11.46 -20.90 16.06
N LEU D 59 -11.00 -21.68 15.07
CA LEU D 59 -11.91 -22.33 14.09
C LEU D 59 -12.73 -23.63 14.54
N MET D 60 -12.37 -24.10 15.75
CA MET D 60 -13.11 -25.17 16.51
C MET D 60 -14.27 -24.77 17.37
N LEU D 61 -14.58 -23.47 17.42
CA LEU D 61 -15.82 -22.95 18.01
C LEU D 61 -16.76 -22.70 16.82
N LYS D 62 -16.51 -23.27 15.59
CA LYS D 62 -17.47 -23.08 14.49
C LYS D 62 -17.94 -21.65 14.35
N GLY D 63 -17.04 -20.63 14.25
CA GLY D 63 -17.44 -19.26 13.95
C GLY D 63 -17.77 -19.06 12.49
N ALA D 64 -17.28 -19.95 11.63
CA ALA D 64 -17.54 -19.86 10.20
C ALA D 64 -19.02 -20.09 9.91
N PRO D 65 -19.59 -19.39 8.92
CA PRO D 65 -20.99 -19.62 8.53
C PRO D 65 -21.16 -20.95 7.79
N GLN E 1 -8.96 -0.60 -33.77
CA GLN E 1 -7.85 -1.35 -33.11
C GLN E 1 -6.67 -0.42 -32.84
N THR E 2 -5.91 -0.75 -31.79
CA THR E 2 -4.76 0.05 -31.43
C THR E 2 -3.64 -0.13 -32.44
N SER E 3 -2.93 0.96 -32.72
CA SER E 3 -1.89 0.97 -33.74
C SER E 3 -0.70 1.74 -33.21
N VAL E 4 0.48 1.37 -33.70
CA VAL E 4 1.73 2.05 -33.36
C VAL E 4 2.47 2.38 -34.65
N SER E 5 3.03 3.57 -34.70
CA SER E 5 3.89 3.97 -35.79
C SER E 5 5.20 4.52 -35.24
N PRO E 6 6.35 4.14 -35.82
CA PRO E 6 6.45 3.14 -36.89
C PRO E 6 6.26 1.71 -36.41
N SER E 7 5.85 0.83 -37.33
CA SER E 7 5.82 -0.59 -37.05
C SER E 7 7.17 -1.07 -36.55
N LYS E 8 8.24 -0.53 -37.14
CA LYS E 8 9.60 -0.94 -36.87
C LYS E 8 10.52 0.22 -37.22
N VAL E 9 11.61 0.33 -36.48
CA VAL E 9 12.58 1.40 -36.71
C VAL E 9 13.95 0.91 -36.27
N ILE E 10 14.97 1.22 -37.07
CA ILE E 10 16.37 1.04 -36.71
C ILE E 10 16.97 2.41 -36.42
N LEU E 11 17.57 2.56 -35.25
CA LEU E 11 18.06 3.84 -34.80
C LEU E 11 19.43 3.69 -34.12
N PRO E 12 20.24 4.74 -34.16
CA PRO E 12 21.57 4.67 -33.53
C PRO E 12 21.48 4.56 -32.02
N ARG E 13 22.48 3.92 -31.43
CA ARG E 13 22.52 3.76 -29.98
C ARG E 13 22.42 5.10 -29.29
N GLY E 14 21.51 5.18 -28.32
CA GLY E 14 21.35 6.36 -27.49
C GLY E 14 20.53 7.45 -28.13
N GLY E 15 19.99 7.23 -29.32
CA GLY E 15 19.22 8.24 -30.02
C GLY E 15 17.77 8.28 -29.58
N SER E 16 17.05 9.26 -30.10
CA SER E 16 15.63 9.44 -29.83
C SER E 16 14.83 9.02 -31.05
N VAL E 17 13.63 8.51 -30.80
CA VAL E 17 12.69 8.12 -31.84
C VAL E 17 11.31 8.57 -31.42
N LEU E 18 10.51 9.00 -32.39
CA LEU E 18 9.12 9.38 -32.17
C LEU E 18 8.23 8.20 -32.49
N VAL E 19 7.51 7.71 -31.49
CA VAL E 19 6.57 6.62 -31.63
C VAL E 19 5.17 7.18 -31.47
N THR E 20 4.29 6.83 -32.40
CA THR E 20 2.91 7.28 -32.41
C THR E 20 2.00 6.13 -32.01
N CYS E 21 1.15 6.37 -31.03
CA CYS E 21 0.09 5.45 -30.69
C CYS E 21 -1.22 6.03 -31.20
N SER E 22 -2.06 5.18 -31.78
CA SER E 22 -3.35 5.60 -32.29
C SER E 22 -4.39 4.53 -31.99
N THR E 23 -5.65 4.94 -31.92
CA THR E 23 -6.77 4.02 -31.79
C THR E 23 -7.76 4.26 -32.93
N SER E 24 -8.59 3.25 -33.20
CA SER E 24 -9.76 3.47 -34.03
C SER E 24 -10.87 4.14 -33.22
N CYS E 25 -11.00 3.80 -31.95
CA CYS E 25 -11.92 4.50 -31.07
C CYS E 25 -11.61 5.99 -31.11
N ASP E 26 -12.65 6.81 -31.29
CA ASP E 26 -12.44 8.24 -31.30
C ASP E 26 -12.11 8.76 -29.91
N GLN E 27 -12.74 8.21 -28.87
CA GLN E 27 -12.61 8.68 -27.51
C GLN E 27 -12.14 7.53 -26.63
N PRO E 28 -10.84 7.21 -26.65
CA PRO E 28 -10.32 6.23 -25.68
C PRO E 28 -10.02 6.84 -24.32
N LYS E 29 -10.19 6.03 -23.28
CA LYS E 29 -9.91 6.50 -21.93
C LYS E 29 -8.46 6.25 -21.55
N LEU E 30 -7.96 5.07 -21.86
CA LEU E 30 -6.56 4.73 -21.68
C LEU E 30 -5.92 4.67 -23.05
N LEU E 31 -4.84 5.42 -23.24
CA LEU E 31 -4.03 5.34 -24.44
C LEU E 31 -2.62 5.78 -24.08
N GLY E 32 -1.66 4.89 -24.28
CA GLY E 32 -0.28 5.24 -23.98
C GLY E 32 0.66 4.25 -24.62
N ILE E 33 1.91 4.31 -24.18
CA ILE E 33 2.96 3.42 -24.64
C ILE E 33 3.67 2.87 -23.42
N GLU E 34 3.85 1.56 -23.37
CA GLU E 34 4.57 0.91 -22.28
C GLU E 34 5.99 0.65 -22.72
N THR E 35 6.95 1.18 -21.96
CA THR E 35 8.36 1.05 -22.31
C THR E 35 9.18 1.41 -21.09
N PRO E 36 10.34 0.80 -20.89
CA PRO E 36 11.24 1.22 -19.81
C PRO E 36 12.06 2.46 -20.16
N LEU E 37 11.97 2.92 -21.41
CA LEU E 37 12.74 4.06 -21.85
C LEU E 37 12.19 5.35 -21.26
N PRO E 38 13.03 6.38 -21.12
CA PRO E 38 12.50 7.71 -20.82
C PRO E 38 11.76 8.26 -22.03
N LYS E 39 10.52 8.70 -21.80
CA LYS E 39 9.65 9.15 -22.88
C LYS E 39 9.08 10.52 -22.55
N LYS E 40 8.60 11.19 -23.59
CA LYS E 40 8.01 12.52 -23.46
C LYS E 40 6.82 12.64 -24.40
N GLU E 41 5.63 12.75 -23.83
CA GLU E 41 4.40 12.90 -24.60
C GLU E 41 4.41 14.25 -25.30
N LEU E 42 4.39 14.23 -26.63
CA LEU E 42 4.37 15.47 -27.40
C LEU E 42 3.02 16.14 -27.26
N LEU E 43 3.05 17.44 -26.99
CA LEU E 43 1.82 18.22 -26.92
C LEU E 43 1.11 18.17 -28.26
N LEU E 44 -0.02 17.47 -28.30
CA LEU E 44 -0.78 17.23 -29.51
C LEU E 44 -2.26 17.21 -29.17
N PRO E 45 -3.10 17.90 -29.93
CA PRO E 45 -4.54 17.89 -29.64
C PRO E 45 -5.21 16.60 -30.06
N GLY E 46 -6.29 16.26 -29.36
CA GLY E 46 -7.02 15.05 -29.68
C GLY E 46 -6.88 13.99 -28.60
N ASN E 47 -7.70 12.95 -28.73
CA ASN E 47 -7.82 11.91 -27.71
C ASN E 47 -7.32 10.56 -28.20
N ASN E 48 -7.39 10.30 -29.50
CA ASN E 48 -7.23 8.96 -30.04
C ASN E 48 -5.86 8.73 -30.66
N ARG E 49 -4.96 9.73 -30.61
CA ARG E 49 -3.61 9.60 -31.13
C ARG E 49 -2.66 10.32 -30.19
N LYS E 50 -1.54 9.66 -29.88
CA LYS E 50 -0.49 10.25 -29.06
C LYS E 50 0.85 10.03 -29.73
N VAL E 51 1.79 10.94 -29.48
CA VAL E 51 3.15 10.84 -29.99
C VAL E 51 4.11 10.97 -28.82
N TYR E 52 5.07 10.07 -28.74
CA TYR E 52 6.07 10.05 -27.68
C TYR E 52 7.45 10.11 -28.28
N GLU E 53 8.31 10.95 -27.70
CA GLU E 53 9.72 10.97 -28.04
C GLU E 53 10.43 10.05 -27.07
N LEU E 54 10.71 8.82 -27.49
CA LEU E 54 11.43 7.86 -26.67
C LEU E 54 12.92 8.14 -26.78
N SER E 55 13.52 8.62 -25.70
CA SER E 55 14.87 9.13 -25.70
C SER E 55 15.85 8.09 -25.16
N ASN E 56 17.08 8.18 -25.66
CA ASN E 56 18.22 7.41 -25.15
C ASN E 56 17.94 5.91 -25.20
N VAL E 57 17.71 5.42 -26.41
CA VAL E 57 17.46 4.00 -26.63
C VAL E 57 18.81 3.26 -26.62
N GLN E 58 18.97 2.34 -25.69
CA GLN E 58 20.24 1.68 -25.48
C GLN E 58 20.27 0.25 -25.99
N GLU E 59 19.15 -0.47 -25.91
CA GLU E 59 19.12 -1.86 -26.34
C GLU E 59 18.01 -2.03 -27.35
N ASP E 60 17.88 -3.26 -27.85
CA ASP E 60 16.67 -3.64 -28.55
C ASP E 60 15.49 -3.63 -27.58
N SER E 61 14.47 -2.84 -27.89
CA SER E 61 13.28 -2.74 -27.06
C SER E 61 12.05 -3.03 -27.91
N GLN E 62 10.94 -3.34 -27.25
CA GLN E 62 9.66 -3.56 -27.91
C GLN E 62 8.56 -2.74 -27.25
N PRO E 63 8.58 -1.42 -27.44
CA PRO E 63 7.53 -0.57 -26.86
C PRO E 63 6.15 -0.97 -27.38
N MET E 64 5.21 -1.11 -26.46
CA MET E 64 3.86 -1.54 -26.77
C MET E 64 2.91 -0.38 -26.55
N CYS E 65 2.21 0.04 -27.61
CA CYS E 65 1.10 0.97 -27.45
C CYS E 65 -0.08 0.20 -26.87
N TYR E 66 -0.75 0.81 -25.91
CA TYR E 66 -1.89 0.19 -25.27
C TYR E 66 -3.07 1.14 -25.21
N SER E 67 -4.26 0.57 -25.09
CA SER E 67 -5.49 1.33 -25.00
C SER E 67 -6.55 0.43 -24.38
N ASN E 68 -7.68 1.04 -24.06
CA ASN E 68 -8.84 0.30 -23.59
C ASN E 68 -9.89 0.12 -24.68
N CYS E 69 -9.56 0.46 -25.91
CA CYS E 69 -10.53 0.36 -27.00
C CYS E 69 -10.83 -1.11 -27.25
N PRO E 70 -12.09 -1.53 -27.28
CA PRO E 70 -12.42 -2.95 -27.43
C PRO E 70 -12.46 -3.44 -28.85
N ASP E 71 -12.32 -2.56 -29.84
CA ASP E 71 -12.29 -2.99 -31.23
C ASP E 71 -10.92 -3.56 -31.55
N GLY E 72 -10.88 -4.80 -32.05
CA GLY E 72 -9.63 -5.39 -32.48
C GLY E 72 -8.64 -5.59 -31.33
N GLN E 73 -7.37 -5.58 -31.70
CA GLN E 73 -6.30 -5.71 -30.72
C GLN E 73 -6.07 -4.39 -30.00
N SER E 74 -6.24 -4.41 -28.67
CA SER E 74 -6.09 -3.24 -27.84
C SER E 74 -4.64 -2.87 -27.56
N THR E 75 -3.68 -3.64 -28.07
CA THR E 75 -2.26 -3.38 -27.88
C THR E 75 -1.53 -3.59 -29.19
N ALA E 76 -0.47 -2.82 -29.39
CA ALA E 76 0.35 -2.92 -30.58
C ALA E 76 1.80 -2.70 -30.20
N LYS E 77 2.66 -3.62 -30.60
CA LYS E 77 4.08 -3.55 -30.29
C LYS E 77 4.87 -3.07 -31.50
N THR E 78 5.80 -2.16 -31.24
CA THR E 78 6.80 -1.77 -32.23
C THR E 78 8.16 -2.28 -31.80
N PHE E 79 9.06 -2.42 -32.77
CA PHE E 79 10.36 -3.05 -32.55
C PHE E 79 11.47 -2.05 -32.83
N LEU E 80 12.16 -1.63 -31.77
CA LEU E 80 13.31 -0.73 -31.89
C LEU E 80 14.58 -1.55 -31.90
N THR E 81 15.47 -1.27 -32.85
CA THR E 81 16.80 -1.87 -32.90
C THR E 81 17.84 -0.78 -32.81
N VAL E 82 18.98 -1.10 -32.21
CA VAL E 82 20.11 -0.18 -32.07
C VAL E 82 21.26 -0.69 -32.92
N TYR E 83 21.96 0.23 -33.57
CA TYR E 83 23.17 -0.08 -34.33
C TYR E 83 24.32 0.75 -33.78
N TRP E 84 25.47 0.11 -33.61
CA TRP E 84 26.63 0.78 -33.02
C TRP E 84 27.91 0.03 -33.35
#